data_8VVL
#
_entry.id   8VVL
#
_cell.length_a   100.429
_cell.length_b   67.629
_cell.length_c   140.983
_cell.angle_alpha   90.00
_cell.angle_beta   96.53
_cell.angle_gamma   90.00
#
_symmetry.space_group_name_H-M   'I 1 2 1'
#
loop_
_entity.id
_entity.type
_entity.pdbx_description
1 polymer GP38
2 polymer 'c13G8 Fab Heavy Chain'
3 polymer 'c13G8 Fab Light Chain'
4 branched 2-acetamido-2-deoxy-beta-D-glucopyranose-(1-4)-2-acetamido-2-deoxy-beta-D-glucopyranose
5 non-polymer 2-acetamido-2-deoxy-beta-D-glucopyranose
6 non-polymer 'SULFATE ION'
7 non-polymer 'CHLORIDE ION'
8 non-polymer 'COBALT (II) ION'
9 water water
#
loop_
_entity_poly.entity_id
_entity_poly.type
_entity_poly.pdbx_seq_one_letter_code
_entity_poly.pdbx_strand_id
1 'polypeptide(L)'
;NLKMEIILTLSQGLKKYYGKILRLLQLTLEEDTEGLLEWCKRNLGLDCDDTFFQKRIEEFFITGEGHFNEVLQFRTPGTL
STTESTPAGLPTAEPFKSYFAKGFLSIDSGYYSAKCYSGTSNSGLQLINITRHSTRIVDTPGPKITNLKTINCINLKASI
FKEHREVEINVLLPQVAVNLSNCHVVIKSHVCDYSLDIDGAVRLPHIYHEGVFIPGTYKIVIDKKNKLNDRCTLFTDCVI
KGREVRKGQSVLRQYKTEIRIGKASTGS
;
A
2 'polypeptide(L)'
;(PCA)VQLKESGPGLVAPSQSLSITCTVSGFSLTNYGIHWVRQPPGKGLEWLGVIWAGGYTKYNSALMSRLSMSKDNSKS
QVFLKMNSLQTDDTAMYYCARDEVRRDYYAMDYWGQGTSVTVSSASTKGPSVFPLAPSSKSTSGGTAALGCLVKDYFPEP
VTVSWNSGALTSGVHTFPAVLQSSGLYSLSSVVTVPSSSLGTQTYICNVNHKPSNTKVDKKVEPKSCDKG
;
H
3 'polypeptide(L)'
;(PCA)IVLSQSPAILSASPGEKVTMTCWASSGVSYMHWYQQKPGSSPKPWIFATSNLASGVPARFSGSGSGTSYSLTISR
VEAEDAATYYCQQWSFNPLTFGAGTKLELKRTVAAPSVFIFPPSDEQLKSGTASVVCLLNNFYPREAKVQWKVDNALQSG
NSQESVTEQDSKDSTYSLSSTLTLSKADYEKHKVYACEVTHQGLSSPVTKSFNRGEC
;
L
#
loop_
_chem_comp.id
_chem_comp.type
_chem_comp.name
_chem_comp.formula
CL non-polymer 'CHLORIDE ION' 'Cl -1'
CO non-polymer 'COBALT (II) ION' 'Co 2'
NAG D-saccharide, beta linking 2-acetamido-2-deoxy-beta-D-glucopyranose 'C8 H15 N O6'
SO4 non-polymer 'SULFATE ION' 'O4 S -2'
#
# COMPACT_ATOMS: atom_id res chain seq x y z
N MET A 4 9.99 11.31 -7.26
CA MET A 4 11.12 10.83 -6.52
C MET A 4 11.18 11.53 -5.18
N GLU A 5 9.97 11.71 -4.65
CA GLU A 5 9.75 12.27 -3.33
C GLU A 5 9.87 11.13 -2.34
N ILE A 6 10.71 11.33 -1.32
CA ILE A 6 10.86 10.35 -0.28
C ILE A 6 9.58 10.31 0.55
N ILE A 7 9.20 9.12 1.01
CA ILE A 7 8.05 8.93 1.88
C ILE A 7 8.56 8.65 3.30
N LEU A 8 8.21 9.50 4.25
CA LEU A 8 8.62 9.27 5.63
C LEU A 8 7.64 8.35 6.32
N THR A 9 8.15 7.35 7.03
CA THR A 9 7.29 6.53 7.87
C THR A 9 6.79 7.34 9.05
N LEU A 10 5.85 6.75 9.79
CA LEU A 10 5.33 7.41 10.98
C LEU A 10 6.47 7.85 11.89
N SER A 11 7.38 6.92 12.18
CA SER A 11 8.49 7.22 13.06
C SER A 11 9.46 8.24 12.45
N GLN A 12 9.81 8.07 11.17
CA GLN A 12 10.75 9.00 10.55
C GLN A 12 10.23 10.43 10.55
N GLY A 13 8.96 10.62 10.17
CA GLY A 13 8.42 11.97 10.14
C GLY A 13 8.31 12.60 11.51
N LEU A 14 8.01 11.81 12.53
CA LEU A 14 7.95 12.35 13.88
C LEU A 14 9.30 12.94 14.30
N LYS A 15 10.40 12.31 13.88
CA LYS A 15 11.72 12.85 14.19
C LYS A 15 11.93 14.19 13.51
N LYS A 16 11.49 14.32 12.25
CA LYS A 16 11.61 15.60 11.56
C LYS A 16 10.65 16.63 12.16
N TYR A 17 9.47 16.20 12.60
CA TYR A 17 8.53 17.06 13.29
C TYR A 17 9.16 17.64 14.55
N TYR A 18 9.81 16.79 15.35
CA TYR A 18 10.51 17.27 16.53
C TYR A 18 11.68 18.17 16.15
N GLY A 19 12.39 17.85 15.06
CA GLY A 19 13.50 18.68 14.63
C GLY A 19 13.08 20.10 14.29
N LYS A 20 11.90 20.26 13.68
CA LYS A 20 11.39 21.60 13.44
C LYS A 20 11.12 22.32 14.76
N ILE A 21 10.53 21.62 15.72
CA ILE A 21 10.21 22.23 17.01
C ILE A 21 11.49 22.67 17.72
N LEU A 22 12.52 21.83 17.67
CA LEU A 22 13.79 22.17 18.31
C LEU A 22 14.40 23.41 17.67
N ARG A 23 14.27 23.55 16.34
CA ARG A 23 14.79 24.74 15.67
C ARG A 23 13.98 25.97 16.04
N LEU A 24 12.65 25.84 16.08
CA LEU A 24 11.81 26.96 16.47
C LEU A 24 12.04 27.36 17.91
N LEU A 25 12.34 26.40 18.78
CA LEU A 25 12.68 26.69 20.17
C LEU A 25 14.04 27.34 20.31
N GLN A 26 14.86 27.33 19.25
CA GLN A 26 16.20 27.89 19.20
C GLN A 26 17.20 27.06 19.99
N LEU A 27 16.87 25.79 20.22
CA LEU A 27 17.84 24.85 20.77
C LEU A 27 18.75 24.27 19.70
N THR A 28 18.30 24.26 18.44
CA THR A 28 19.10 23.84 17.31
C THR A 28 19.07 24.94 16.25
N LEU A 29 20.03 24.91 15.33
CA LEU A 29 20.13 25.90 14.28
C LEU A 29 19.75 25.37 12.91
N GLU A 30 19.67 24.05 12.75
CA GLU A 30 19.34 23.47 11.46
C GLU A 30 18.16 22.53 11.63
N GLU A 31 17.52 22.21 10.50
CA GLU A 31 16.40 21.29 10.50
C GLU A 31 16.41 20.53 9.19
N ASP A 32 15.87 19.32 9.24
CA ASP A 32 15.62 18.52 8.04
C ASP A 32 14.11 18.33 7.96
N THR A 33 13.49 18.97 6.96
CA THR A 33 12.05 18.87 6.77
C THR A 33 11.67 18.18 5.46
N GLU A 34 12.62 17.54 4.78
CA GLU A 34 12.28 16.84 3.54
C GLU A 34 11.24 15.76 3.82
N GLY A 35 10.09 15.85 3.16
CA GLY A 35 9.02 14.90 3.34
C GLY A 35 8.09 15.19 4.52
N LEU A 36 8.37 16.23 5.31
CA LEU A 36 7.58 16.48 6.51
C LEU A 36 6.16 16.91 6.17
N LEU A 37 5.99 17.74 5.14
CA LEU A 37 4.66 18.28 4.89
C LEU A 37 3.69 17.18 4.48
N GLU A 38 4.15 16.24 3.64
CA GLU A 38 3.28 15.12 3.26
C GLU A 38 3.01 14.23 4.46
N TRP A 39 4.04 13.98 5.28
CA TRP A 39 3.86 13.24 6.52
C TRP A 39 2.77 13.85 7.38
N CYS A 40 2.74 15.18 7.48
CA CYS A 40 1.71 15.84 8.31
C CYS A 40 0.34 15.70 7.67
N LYS A 41 0.25 15.93 6.35
CA LYS A 41 -1.03 15.82 5.69
C LYS A 41 -1.61 14.41 5.84
N ARG A 42 -0.73 13.40 5.76
CA ARG A 42 -1.18 12.02 5.83
C ARG A 42 -1.50 11.60 7.26
N ASN A 43 -0.60 11.89 8.22
CA ASN A 43 -0.71 11.32 9.55
C ASN A 43 -1.45 12.23 10.52
N LEU A 44 -1.44 13.54 10.29
CA LEU A 44 -2.18 14.49 11.13
C LEU A 44 -3.40 15.08 10.44
N GLY A 45 -3.56 14.89 9.13
CA GLY A 45 -4.69 15.46 8.43
C GLY A 45 -4.67 16.97 8.36
N LEU A 46 -3.47 17.57 8.39
CA LEU A 46 -3.38 19.03 8.37
C LEU A 46 -2.03 19.45 7.79
N ASP A 47 -1.95 20.73 7.44
CA ASP A 47 -0.74 21.37 6.96
C ASP A 47 0.05 21.86 8.18
N CYS A 48 1.22 21.30 8.42
CA CYS A 48 2.01 21.72 9.58
C CYS A 48 2.96 22.86 9.16
N ASP A 49 2.34 24.01 8.90
CA ASP A 49 3.09 25.21 8.54
C ASP A 49 3.58 25.91 9.81
N ASP A 50 4.20 27.08 9.63
CA ASP A 50 4.81 27.76 10.77
C ASP A 50 3.77 28.21 11.79
N THR A 51 2.58 28.62 11.33
CA THR A 51 1.52 28.97 12.26
C THR A 51 1.11 27.76 13.11
N PHE A 52 1.01 26.59 12.47
CA PHE A 52 0.63 25.38 13.19
C PHE A 52 1.63 25.05 14.29
N PHE A 53 2.91 25.07 13.94
CA PHE A 53 3.96 24.71 14.91
C PHE A 53 4.02 25.71 16.05
N GLN A 54 3.87 27.00 15.75
CA GLN A 54 3.90 28.00 16.81
C GLN A 54 2.74 27.78 17.78
N LYS A 55 1.57 27.39 17.28
CA LYS A 55 0.43 27.09 18.13
C LYS A 55 0.67 25.82 18.94
N ARG A 56 1.31 24.81 18.35
CA ARG A 56 1.63 23.60 19.10
C ARG A 56 2.57 23.91 20.26
N ILE A 57 3.60 24.71 20.00
CA ILE A 57 4.58 25.04 21.03
C ILE A 57 3.92 25.89 22.13
N GLU A 58 3.14 26.89 21.72
CA GLU A 58 2.41 27.71 22.68
C GLU A 58 1.54 26.84 23.58
N GLU A 59 0.85 25.87 22.99
CA GLU A 59 -0.09 25.05 23.76
C GLU A 59 0.62 24.10 24.70
N PHE A 60 1.66 23.40 24.19
CA PHE A 60 2.33 22.42 25.03
C PHE A 60 2.94 23.07 26.27
N PHE A 61 3.57 24.23 26.10
CA PHE A 61 4.33 24.85 27.17
C PHE A 61 3.51 25.83 28.01
N ILE A 62 2.40 26.35 27.50
CA ILE A 62 1.70 27.43 28.20
C ILE A 62 0.21 27.16 28.30
N THR A 63 -0.49 27.17 27.16
CA THR A 63 -1.94 27.28 27.16
C THR A 63 -2.67 25.94 27.22
N GLY A 64 -2.00 24.85 26.88
CA GLY A 64 -2.68 23.57 26.79
C GLY A 64 -3.06 23.00 28.15
N GLU A 65 -4.20 22.33 28.17
CA GLU A 65 -4.74 21.71 29.38
C GLU A 65 -5.32 20.36 29.03
N GLY A 66 -5.01 19.36 29.85
CA GLY A 66 -5.44 17.99 29.60
C GLY A 66 -4.31 17.16 29.04
N HIS A 67 -4.66 15.93 28.65
CA HIS A 67 -3.68 15.02 28.10
C HIS A 67 -3.20 15.50 26.73
N PHE A 68 -1.93 15.23 26.43
CA PHE A 68 -1.33 15.58 25.16
C PHE A 68 -0.79 14.33 24.48
N ASN A 69 -0.71 14.36 23.15
CA ASN A 69 -0.16 13.25 22.40
C ASN A 69 1.28 13.57 21.99
N GLU A 70 1.88 12.66 21.21
CA GLU A 70 3.28 12.80 20.84
C GLU A 70 3.55 14.03 19.97
N VAL A 71 2.52 14.56 19.30
CA VAL A 71 2.71 15.69 18.39
C VAL A 71 2.19 16.99 18.99
N LEU A 72 2.08 17.04 20.32
CA LEU A 72 1.81 18.27 21.07
C LEU A 72 0.37 18.75 20.89
N GLN A 73 -0.54 17.85 20.52
CA GLN A 73 -1.96 18.12 20.45
C GLN A 73 -2.64 17.71 21.75
N PHE A 74 -3.66 18.46 22.14
CA PHE A 74 -4.31 18.28 23.44
C PHE A 74 -5.76 17.82 23.33
N ALA A 93 -5.93 2.37 14.36
CA ALA A 93 -6.22 3.05 13.11
C ALA A 93 -5.29 4.24 12.90
N GLU A 94 -5.68 5.40 13.41
CA GLU A 94 -4.89 6.61 13.32
C GLU A 94 -3.86 6.69 14.44
N PRO A 95 -2.66 7.21 14.14
CA PRO A 95 -1.67 7.41 15.20
C PRO A 95 -2.00 8.63 16.04
N PHE A 96 -1.21 8.80 17.10
CA PHE A 96 -1.26 9.99 17.96
C PHE A 96 -2.65 10.18 18.58
N LYS A 97 -3.33 9.08 18.87
CA LYS A 97 -4.59 9.11 19.60
C LYS A 97 -4.44 8.68 21.06
N SER A 98 -3.21 8.37 21.49
CA SER A 98 -2.93 8.00 22.88
C SER A 98 -2.31 9.22 23.57
N TYR A 99 -3.13 9.96 24.30
CA TYR A 99 -2.71 11.21 24.89
C TYR A 99 -2.06 10.96 26.26
N PHE A 100 -0.83 11.43 26.42
CA PHE A 100 -0.02 11.18 27.61
C PHE A 100 -0.53 11.97 28.82
N ALA A 101 -0.02 11.56 30.00
CA ALA A 101 -0.18 12.32 31.23
C ALA A 101 1.11 12.30 32.05
N LYS A 102 2.24 11.91 31.46
CA LYS A 102 3.52 11.77 32.16
C LYS A 102 4.19 13.10 32.43
N GLY A 103 3.77 14.18 31.79
CA GLY A 103 4.27 15.50 32.06
C GLY A 103 5.33 16.00 31.11
N PHE A 104 5.97 15.11 30.33
CA PHE A 104 7.04 15.53 29.44
C PHE A 104 6.99 14.76 28.14
N LEU A 105 7.61 15.34 27.12
CA LEU A 105 7.83 14.72 25.83
C LEU A 105 9.33 14.71 25.56
N SER A 106 9.83 13.63 24.99
CA SER A 106 11.21 13.59 24.50
C SER A 106 11.18 14.14 23.08
N ILE A 107 11.50 15.43 22.94
CA ILE A 107 11.49 16.08 21.63
C ILE A 107 12.80 15.75 20.94
N ASP A 108 12.78 14.70 20.14
CA ASP A 108 13.98 13.97 19.74
C ASP A 108 13.96 13.83 18.22
N SER A 109 14.92 14.49 17.56
CA SER A 109 15.00 14.51 16.11
C SER A 109 15.96 13.47 15.53
N GLY A 110 16.71 12.77 16.38
CA GLY A 110 17.78 11.91 15.92
C GLY A 110 19.11 12.62 15.80
N TYR A 111 19.09 13.95 15.60
CA TYR A 111 20.29 14.76 15.62
C TYR A 111 20.50 15.48 16.94
N TYR A 112 19.42 15.71 17.68
CA TYR A 112 19.46 16.41 18.95
C TYR A 112 18.19 16.04 19.69
N SER A 113 18.21 16.21 21.01
CA SER A 113 17.05 15.82 21.79
C SER A 113 16.92 16.77 22.97
N ALA A 114 15.68 16.96 23.42
CA ALA A 114 15.44 17.67 24.65
C ALA A 114 14.23 17.05 25.35
N LYS A 115 14.32 16.92 26.67
CA LYS A 115 13.19 16.48 27.49
C LYS A 115 12.42 17.72 27.90
N CYS A 116 11.20 17.87 27.38
CA CYS A 116 10.45 19.11 27.53
C CYS A 116 9.15 18.86 28.29
N TYR A 117 8.87 19.72 29.26
CA TYR A 117 7.75 19.55 30.17
C TYR A 117 6.58 20.41 29.73
N SER A 118 5.38 19.82 29.78
CA SER A 118 4.18 20.56 29.44
C SER A 118 3.89 21.61 30.50
N GLY A 119 3.29 22.73 30.07
CA GLY A 119 2.91 23.76 31.01
C GLY A 119 1.91 23.30 32.05
N THR A 120 1.13 22.25 31.74
CA THR A 120 0.17 21.75 32.70
C THR A 120 0.82 20.97 33.84
N SER A 121 2.03 20.46 33.63
CA SER A 121 2.75 19.75 34.67
C SER A 121 3.49 20.68 35.63
N ASN A 122 3.41 21.99 35.42
CA ASN A 122 4.17 22.96 36.20
C ASN A 122 3.25 23.72 37.13
N SER A 123 3.77 24.04 38.33
CA SER A 123 3.05 24.81 39.33
C SER A 123 2.98 26.27 38.89
N GLY A 124 2.07 26.54 37.96
CA GLY A 124 1.94 27.87 37.40
C GLY A 124 2.86 28.06 36.20
N LEU A 125 3.05 29.33 35.85
CA LEU A 125 3.91 29.69 34.72
C LEU A 125 5.35 29.82 35.20
N GLN A 126 6.26 29.11 34.53
CA GLN A 126 7.68 29.09 34.87
C GLN A 126 8.52 29.79 33.80
N LEU A 127 7.95 30.83 33.17
CA LEU A 127 8.59 31.51 32.05
C LEU A 127 8.57 33.01 32.30
N ILE A 128 9.44 33.72 31.58
CA ILE A 128 9.46 35.18 31.63
C ILE A 128 9.32 35.73 30.21
N ASN A 129 8.61 36.86 30.11
CA ASN A 129 8.32 37.51 28.84
C ASN A 129 9.48 38.47 28.55
N ILE A 130 10.38 38.06 27.64
CA ILE A 130 11.54 38.90 27.34
C ILE A 130 11.24 39.95 26.28
N THR A 131 10.00 39.99 25.76
CA THR A 131 9.63 41.07 24.86
C THR A 131 9.45 42.38 25.61
N ARG A 132 8.98 42.32 26.85
CA ARG A 132 8.92 43.51 27.69
C ARG A 132 10.30 44.13 27.82
N HIS A 133 10.34 45.46 27.86
CA HIS A 133 11.60 46.17 28.05
C HIS A 133 12.23 45.78 29.37
N SER A 134 13.49 45.36 29.32
CA SER A 134 14.22 44.92 30.50
C SER A 134 14.81 46.10 31.24
N THR A 135 14.84 46.00 32.58
CA THR A 135 15.50 47.00 33.40
C THR A 135 16.98 47.08 33.00
N ARG A 136 17.37 48.19 32.38
CA ARG A 136 18.71 48.30 31.79
C ARG A 136 19.77 48.27 32.88
N ILE A 137 20.87 47.58 32.58
CA ILE A 137 21.95 47.36 33.53
C ILE A 137 23.18 48.12 33.04
N VAL A 138 23.72 48.99 33.88
CA VAL A 138 24.82 49.87 33.52
C VAL A 138 26.14 49.21 33.91
N ASP A 139 27.20 49.52 33.16
CA ASP A 139 28.52 48.96 33.43
C ASP A 139 29.17 49.63 34.64
N THR A 140 30.01 48.87 35.33
CA THR A 140 30.66 49.33 36.55
C THR A 140 31.95 48.56 36.71
N PRO A 141 33.01 49.17 37.23
CA PRO A 141 34.27 48.43 37.40
C PRO A 141 34.10 47.23 38.32
N GLY A 142 34.77 46.13 37.99
CA GLY A 142 34.73 44.94 38.79
C GLY A 142 35.72 43.88 38.32
N PRO A 143 36.05 42.93 39.20
CA PRO A 143 37.06 41.93 38.88
C PRO A 143 36.71 41.11 37.65
N LYS A 144 37.70 40.91 36.78
CA LYS A 144 37.52 40.11 35.57
C LYS A 144 37.34 38.64 35.87
N ILE A 145 37.83 38.17 37.03
CA ILE A 145 37.67 36.79 37.47
C ILE A 145 36.82 36.82 38.73
N THR A 146 35.86 35.90 38.81
CA THR A 146 35.04 35.71 40.01
C THR A 146 35.19 34.26 40.46
N ASN A 147 35.40 34.07 41.76
CA ASN A 147 35.59 32.71 42.27
C ASN A 147 34.25 32.00 42.41
N LEU A 148 34.24 30.72 42.00
CA LEU A 148 33.03 29.90 42.10
C LEU A 148 32.49 29.82 43.53
N LYS A 149 33.38 29.86 44.53
CA LYS A 149 32.98 29.72 45.93
C LYS A 149 32.47 31.01 46.55
N THR A 150 32.65 32.17 45.91
CA THR A 150 32.29 33.46 46.50
C THR A 150 31.75 34.35 45.38
N ILE A 151 30.57 34.00 44.87
CA ILE A 151 29.95 34.74 43.79
C ILE A 151 29.10 35.86 44.39
N ASN A 152 29.44 37.10 44.05
CA ASN A 152 28.64 38.26 44.45
C ASN A 152 27.58 38.61 43.42
N CYS A 153 27.65 38.04 42.22
CA CYS A 153 26.69 38.30 41.17
C CYS A 153 25.30 37.79 41.56
N ILE A 154 24.29 38.65 41.44
CA ILE A 154 22.93 38.25 41.84
C ILE A 154 22.24 37.41 40.79
N ASN A 155 22.79 37.34 39.58
CA ASN A 155 22.16 36.54 38.53
C ASN A 155 22.55 35.07 38.60
N LEU A 156 23.54 34.71 39.41
CA LEU A 156 24.08 33.35 39.47
C LEU A 156 24.23 32.91 40.93
N LYS A 157 23.90 31.64 41.18
CA LYS A 157 24.15 30.98 42.47
C LYS A 157 24.77 29.62 42.20
N ALA A 158 25.86 29.30 42.91
CA ALA A 158 26.59 28.06 42.69
C ALA A 158 26.51 27.15 43.91
N SER A 159 26.36 25.86 43.65
CA SER A 159 26.45 24.84 44.69
C SER A 159 27.46 23.80 44.24
N ILE A 160 28.42 23.49 45.11
CA ILE A 160 29.41 22.46 44.83
C ILE A 160 29.04 21.20 45.61
N PHE A 161 29.02 20.07 44.92
CA PHE A 161 28.83 18.77 45.54
C PHE A 161 30.15 17.99 45.39
N LYS A 162 31.06 18.23 46.33
CA LYS A 162 32.35 17.55 46.32
C LYS A 162 32.19 16.04 46.30
N GLU A 163 31.21 15.54 47.04
CA GLU A 163 31.00 14.10 47.18
C GLU A 163 30.85 13.43 45.82
N HIS A 164 30.11 14.05 44.91
CA HIS A 164 29.82 13.49 43.60
C HIS A 164 30.50 14.26 42.47
N ARG A 165 31.42 15.16 42.81
CA ARG A 165 32.23 15.87 41.84
C ARG A 165 31.36 16.55 40.79
N GLU A 166 30.39 17.32 41.27
CA GLU A 166 29.50 18.08 40.41
C GLU A 166 29.35 19.51 40.91
N VAL A 167 29.22 20.43 39.96
CA VAL A 167 28.93 21.82 40.25
C VAL A 167 27.60 22.15 39.57
N GLU A 168 26.70 22.80 40.30
CA GLU A 168 25.44 23.27 39.74
C GLU A 168 25.42 24.79 39.84
N ILE A 169 25.24 25.46 38.71
CA ILE A 169 25.08 26.90 38.66
C ILE A 169 23.60 27.19 38.45
N ASN A 170 22.98 27.87 39.39
CA ASN A 170 21.58 28.29 39.23
C ASN A 170 21.60 29.70 38.64
N VAL A 171 21.09 29.83 37.42
CA VAL A 171 21.03 31.12 36.73
C VAL A 171 19.69 31.75 37.04
N LEU A 172 19.71 32.87 37.75
CA LEU A 172 18.46 33.49 38.20
C LEU A 172 17.99 34.63 37.32
N LEU A 173 18.86 35.18 36.47
CA LEU A 173 18.51 36.21 35.50
C LEU A 173 18.86 35.66 34.12
N PRO A 174 18.02 34.77 33.56
CA PRO A 174 18.38 34.11 32.30
C PRO A 174 18.52 35.06 31.13
N GLN A 175 18.03 36.30 31.23
CA GLN A 175 18.19 37.23 30.12
C GLN A 175 19.63 37.70 29.99
N VAL A 176 20.45 37.50 31.01
CA VAL A 176 21.86 37.86 30.97
C VAL A 176 22.63 36.66 30.47
N ALA A 177 23.30 36.81 29.34
CA ALA A 177 23.91 35.68 28.66
C ALA A 177 25.00 35.05 29.52
N VAL A 178 25.03 33.72 29.52
CA VAL A 178 26.08 32.94 30.15
C VAL A 178 26.77 32.15 29.04
N ASN A 179 28.05 32.43 28.82
CA ASN A 179 28.81 31.80 27.75
C ASN A 179 29.72 30.73 28.31
N LEU A 180 29.65 29.53 27.74
CA LEU A 180 30.46 28.41 28.18
C LEU A 180 31.69 28.27 27.29
N SER A 181 32.80 27.88 27.91
CA SER A 181 34.07 27.69 27.21
C SER A 181 34.65 26.37 27.66
N ASN A 182 34.81 25.43 26.72
CA ASN A 182 35.39 24.13 27.02
C ASN A 182 34.58 23.39 28.08
N CYS A 183 33.25 23.47 27.98
CA CYS A 183 32.36 22.82 28.92
C CYS A 183 31.47 21.81 28.22
N HIS A 184 31.04 20.81 28.99
CA HIS A 184 30.05 19.83 28.57
C HIS A 184 29.06 19.75 29.74
N VAL A 185 27.88 20.33 29.56
CA VAL A 185 26.98 20.58 30.67
C VAL A 185 25.60 20.01 30.36
N VAL A 186 24.78 19.91 31.40
CA VAL A 186 23.37 19.57 31.28
C VAL A 186 22.59 20.77 31.78
N ILE A 187 21.63 21.24 30.98
CA ILE A 187 20.73 22.31 31.39
C ILE A 187 19.48 21.68 31.97
N LYS A 188 19.08 22.12 33.16
CA LYS A 188 17.84 21.69 33.78
C LYS A 188 16.95 22.91 33.96
N SER A 189 15.68 22.78 33.60
CA SER A 189 14.73 23.86 33.77
C SER A 189 13.34 23.26 33.85
N HIS A 190 12.39 24.09 34.27
CA HIS A 190 11.00 23.64 34.26
C HIS A 190 10.42 23.60 32.86
N VAL A 191 11.19 23.98 31.85
CA VAL A 191 10.70 24.00 30.47
C VAL A 191 11.27 22.80 29.71
N CYS A 192 12.59 22.76 29.54
CA CYS A 192 13.24 21.59 28.96
C CYS A 192 14.57 21.33 29.67
N ASP A 193 14.97 20.05 29.65
CA ASP A 193 16.31 19.61 30.03
C ASP A 193 17.03 19.10 28.78
N TYR A 194 18.33 19.40 28.66
CA TYR A 194 19.07 19.04 27.46
C TYR A 194 20.55 19.23 27.75
N SER A 195 21.40 18.73 26.86
CA SER A 195 22.84 18.86 27.05
C SER A 195 23.44 19.84 26.06
N LEU A 196 24.51 20.50 26.48
CA LEU A 196 25.22 21.45 25.64
C LEU A 196 26.69 21.06 25.59
N ASP A 197 27.23 20.89 24.39
CA ASP A 197 28.61 20.47 24.23
C ASP A 197 29.41 21.45 23.37
N ILE A 198 28.89 22.63 23.10
CA ILE A 198 29.50 23.60 22.20
C ILE A 198 29.80 24.87 22.99
N ASP A 199 30.84 25.59 22.57
CA ASP A 199 31.18 26.86 23.19
C ASP A 199 30.17 27.94 22.79
N GLY A 200 29.99 28.91 23.67
CA GLY A 200 29.15 30.06 23.37
C GLY A 200 28.01 30.20 24.38
N ALA A 201 27.12 31.14 24.07
CA ALA A 201 26.02 31.44 24.98
C ALA A 201 25.11 30.24 25.16
N VAL A 202 24.73 29.98 26.41
CA VAL A 202 23.82 28.90 26.72
C VAL A 202 22.53 29.10 25.94
N ARG A 203 22.15 28.10 25.15
CA ARG A 203 20.89 28.14 24.42
C ARG A 203 19.73 27.79 25.33
N LEU A 204 18.64 28.53 25.19
CA LEU A 204 17.45 28.36 26.00
C LEU A 204 16.22 28.22 25.10
N PRO A 205 15.22 27.46 25.54
CA PRO A 205 13.98 27.38 24.76
C PRO A 205 13.28 28.73 24.70
N HIS A 206 12.89 29.12 23.48
CA HIS A 206 12.14 30.34 23.23
C HIS A 206 10.74 29.94 22.77
N ILE A 207 9.72 30.41 23.50
CA ILE A 207 8.33 30.10 23.20
C ILE A 207 7.62 31.39 22.86
N TYR A 208 6.99 31.44 21.69
CA TYR A 208 6.21 32.61 21.30
C TYR A 208 4.78 32.47 21.79
N HIS A 209 4.34 33.45 22.57
CA HIS A 209 2.97 33.49 23.10
C HIS A 209 2.68 34.98 23.35
N GLU A 210 2.21 35.67 22.32
CA GLU A 210 2.01 37.11 22.35
C GLU A 210 3.30 37.81 22.78
N GLY A 211 4.43 37.30 22.31
CA GLY A 211 5.74 37.75 22.75
C GLY A 211 6.67 36.58 22.97
N VAL A 212 7.96 36.85 23.20
CA VAL A 212 8.97 35.78 23.32
C VAL A 212 9.17 35.46 24.79
N PHE A 213 9.11 34.17 25.13
CA PHE A 213 9.29 33.72 26.50
C PHE A 213 10.45 32.75 26.60
N ILE A 214 11.19 32.83 27.71
CA ILE A 214 12.26 31.88 28.01
C ILE A 214 12.06 31.40 29.45
N PRO A 215 12.75 30.35 29.90
CA PRO A 215 12.59 29.91 31.29
C PRO A 215 12.92 31.01 32.27
N GLY A 216 12.21 31.00 33.41
CA GLY A 216 12.43 32.02 34.44
C GLY A 216 13.72 31.84 35.21
N THR A 217 14.12 30.59 35.43
CA THR A 217 15.45 30.23 35.91
C THR A 217 15.90 28.98 35.18
N TYR A 218 17.19 28.68 35.26
CA TYR A 218 17.66 27.38 34.77
C TYR A 218 18.94 27.03 35.51
N LYS A 219 19.29 25.74 35.45
CA LYS A 219 20.45 25.21 36.17
C LYS A 219 21.43 24.64 35.16
N ILE A 220 22.71 25.00 35.32
CA ILE A 220 23.80 24.42 34.55
C ILE A 220 24.46 23.37 35.44
N VAL A 221 24.47 22.12 34.99
CA VAL A 221 25.05 21.03 35.76
C VAL A 221 26.37 20.64 35.09
N ILE A 222 27.46 20.79 35.82
CA ILE A 222 28.80 20.49 35.30
C ILE A 222 29.34 19.29 36.06
N ASP A 223 29.50 18.18 35.36
CA ASP A 223 30.05 16.96 35.95
C ASP A 223 31.56 17.04 35.85
N LYS A 224 32.25 16.95 36.99
CA LYS A 224 33.70 16.94 36.99
C LYS A 224 34.25 15.55 37.24
N LYS A 225 33.39 14.54 37.30
CA LYS A 225 33.87 13.17 37.47
C LYS A 225 34.51 12.63 36.21
N ASN A 226 34.40 13.35 35.10
CA ASN A 226 35.20 13.05 33.93
C ASN A 226 36.32 14.07 33.80
N LYS A 227 37.15 13.89 32.77
CA LYS A 227 38.25 14.81 32.52
C LYS A 227 37.87 15.91 31.54
N LEU A 228 36.80 15.75 30.77
CA LEU A 228 36.55 16.68 29.68
C LEU A 228 36.05 18.04 30.17
N ASN A 229 35.70 18.17 31.44
CA ASN A 229 35.34 19.47 32.02
C ASN A 229 36.49 20.10 32.81
N ASP A 230 37.70 19.55 32.72
CA ASP A 230 38.82 20.06 33.52
C ASP A 230 39.17 21.50 33.17
N ARG A 231 38.73 22.00 32.03
CA ARG A 231 39.01 23.38 31.61
C ARG A 231 37.73 24.20 31.46
N CYS A 232 36.60 23.69 31.95
CA CYS A 232 35.33 24.37 31.78
C CYS A 232 35.35 25.72 32.48
N THR A 233 34.87 26.74 31.77
CA THR A 233 34.85 28.11 32.26
C THR A 233 33.59 28.82 31.81
N LEU A 234 33.06 29.67 32.68
CA LEU A 234 31.86 30.47 32.42
C LEU A 234 32.25 31.94 32.25
N PHE A 235 31.69 32.58 31.22
CA PHE A 235 31.83 34.02 31.04
C PHE A 235 30.43 34.63 31.07
N THR A 236 30.23 35.63 31.92
CA THR A 236 28.93 36.27 32.03
C THR A 236 29.11 37.69 32.54
N ASP A 237 28.00 38.42 32.60
CA ASP A 237 27.95 39.72 33.26
C ASP A 237 27.61 39.51 34.73
N CYS A 238 28.45 40.05 35.62
CA CYS A 238 28.21 39.96 37.06
C CYS A 238 27.29 41.11 37.44
N VAL A 239 26.01 40.79 37.66
CA VAL A 239 25.01 41.81 37.97
C VAL A 239 24.99 42.06 39.47
N ILE A 240 25.03 43.34 39.86
CA ILE A 240 24.99 43.74 41.26
C ILE A 240 24.02 44.91 41.41
N LYS A 241 23.51 45.08 42.63
CA LYS A 241 22.55 46.14 42.90
C LYS A 241 23.26 47.37 43.45
N SER A 250 16.14 48.79 43.11
CA SER A 250 17.42 49.48 43.04
C SER A 250 17.96 49.49 41.62
N VAL A 251 19.02 50.27 41.40
CA VAL A 251 19.65 50.37 40.09
C VAL A 251 20.57 49.17 39.90
N LEU A 252 20.54 48.57 38.72
CA LEU A 252 21.34 47.40 38.41
C LEU A 252 22.64 47.79 37.73
N ARG A 253 23.73 47.14 38.15
CA ARG A 253 25.07 47.37 37.62
C ARG A 253 25.69 46.02 37.28
N GLN A 254 26.68 46.04 36.38
CA GLN A 254 27.30 44.79 35.96
C GLN A 254 28.73 45.03 35.49
N TYR A 255 29.49 43.94 35.41
CA TYR A 255 30.81 43.94 34.79
C TYR A 255 31.12 42.55 34.28
N LYS A 256 31.85 42.50 33.16
CA LYS A 256 32.32 41.23 32.59
C LYS A 256 33.11 40.45 33.63
N THR A 257 32.82 39.17 33.78
CA THR A 257 33.62 38.34 34.67
C THR A 257 33.70 36.92 34.13
N GLU A 258 34.62 36.15 34.71
CA GLU A 258 34.86 34.78 34.30
C GLU A 258 34.94 33.91 35.55
N ILE A 259 34.26 32.76 35.51
CA ILE A 259 34.21 31.82 36.63
C ILE A 259 34.75 30.49 36.13
N ARG A 260 35.94 30.12 36.60
CA ARG A 260 36.51 28.83 36.25
C ARG A 260 35.83 27.74 37.07
N ILE A 261 35.41 26.67 36.41
CA ILE A 261 34.77 25.54 37.05
C ILE A 261 35.71 24.34 37.13
N GLY A 262 36.35 23.99 36.01
CA GLY A 262 37.25 22.86 35.97
C GLY A 262 38.53 23.05 36.76
N PCA B 1 -16.71 -7.32 9.62
CA PCA B 1 -15.43 -7.42 8.94
CB PCA B 1 -15.33 -8.72 8.15
CG PCA B 1 -16.70 -9.37 8.20
CD PCA B 1 -17.45 -8.48 9.15
OE PCA B 1 -18.59 -8.75 9.53
C PCA B 1 -15.16 -6.25 7.99
O PCA B 1 -16.10 -5.60 7.51
N VAL B 2 -13.89 -6.00 7.73
CA VAL B 2 -13.49 -4.93 6.83
C VAL B 2 -13.81 -5.33 5.39
N GLN B 3 -14.54 -4.47 4.68
CA GLN B 3 -14.96 -4.78 3.32
C GLN B 3 -14.84 -3.55 2.44
N LEU B 4 -14.47 -3.77 1.18
CA LEU B 4 -14.39 -2.71 0.19
C LEU B 4 -14.97 -3.24 -1.11
N LYS B 5 -15.76 -2.41 -1.79
CA LYS B 5 -16.44 -2.82 -3.02
C LYS B 5 -16.43 -1.68 -4.02
N GLU B 6 -15.80 -1.91 -5.17
CA GLU B 6 -15.78 -0.93 -6.23
C GLU B 6 -17.03 -1.06 -7.09
N SER B 7 -17.49 0.07 -7.62
CA SER B 7 -18.58 0.06 -8.56
C SER B 7 -18.30 1.12 -9.63
N GLY B 8 -18.56 0.77 -10.88
CA GLY B 8 -18.31 1.70 -11.95
C GLY B 8 -18.93 1.26 -13.24
N PRO B 9 -18.72 2.04 -14.30
CA PRO B 9 -19.24 1.71 -15.63
C PRO B 9 -18.27 0.77 -16.32
N GLY B 10 -18.77 -0.39 -16.75
CA GLY B 10 -17.92 -1.33 -17.44
C GLY B 10 -17.35 -0.78 -18.74
N LEU B 11 -18.07 0.13 -19.39
CA LEU B 11 -17.64 0.71 -20.66
C LEU B 11 -17.69 2.23 -20.59
N VAL B 12 -16.62 2.89 -21.03
CA VAL B 12 -16.57 4.34 -21.16
C VAL B 12 -15.89 4.70 -22.47
N ALA B 13 -16.40 5.75 -23.12
CA ALA B 13 -15.85 6.22 -24.38
C ALA B 13 -14.60 7.07 -24.14
N PRO B 14 -13.67 7.07 -25.10
CA PRO B 14 -12.42 7.84 -24.90
C PRO B 14 -12.64 9.35 -24.71
N SER B 15 -13.77 9.89 -25.17
CA SER B 15 -14.04 11.30 -24.97
C SER B 15 -14.60 11.62 -23.59
N GLN B 16 -15.08 10.61 -22.85
CA GLN B 16 -15.77 10.85 -21.60
C GLN B 16 -14.81 10.77 -20.42
N SER B 17 -15.36 11.00 -19.23
CA SER B 17 -14.63 10.78 -17.99
C SER B 17 -15.04 9.46 -17.36
N LEU B 18 -14.15 8.91 -16.55
CA LEU B 18 -14.40 7.67 -15.81
C LEU B 18 -14.66 8.02 -14.35
N SER B 19 -15.80 7.58 -13.82
CA SER B 19 -16.14 7.78 -12.42
C SER B 19 -16.34 6.42 -11.77
N ILE B 20 -15.60 6.15 -10.69
CA ILE B 20 -15.70 4.88 -9.99
C ILE B 20 -15.87 5.19 -8.51
N THR B 21 -16.65 4.35 -7.81
CA THR B 21 -16.90 4.51 -6.38
C THR B 21 -16.34 3.32 -5.63
N CYS B 22 -15.79 3.59 -4.44
CA CYS B 22 -15.38 2.54 -3.51
C CYS B 22 -16.23 2.69 -2.26
N THR B 23 -17.09 1.70 -2.00
CA THR B 23 -17.94 1.69 -0.81
C THR B 23 -17.35 0.73 0.21
N VAL B 24 -17.18 1.21 1.45
CA VAL B 24 -16.50 0.45 2.49
C VAL B 24 -17.45 0.19 3.64
N SER B 25 -17.16 -0.87 4.39
CA SER B 25 -17.85 -1.15 5.64
C SER B 25 -16.88 -1.80 6.60
N GLY B 26 -17.27 -1.88 7.86
CA GLY B 26 -16.41 -2.45 8.88
C GLY B 26 -15.35 -1.51 9.42
N PHE B 27 -15.25 -0.30 8.88
CA PHE B 27 -14.35 0.71 9.42
C PHE B 27 -14.84 2.07 8.94
N SER B 28 -14.28 3.12 9.53
CA SER B 28 -14.66 4.49 9.19
C SER B 28 -13.61 5.14 8.32
N LEU B 29 -14.05 5.84 7.27
CA LEU B 29 -13.14 6.61 6.43
C LEU B 29 -12.52 7.78 7.18
N THR B 30 -13.07 8.17 8.34
CA THR B 30 -12.44 9.19 9.15
C THR B 30 -11.12 8.70 9.76
N ASN B 31 -10.89 7.39 9.78
CA ASN B 31 -9.70 6.83 10.41
C ASN B 31 -8.72 6.18 9.44
N TYR B 32 -9.13 5.94 8.19
CA TYR B 32 -8.32 5.15 7.27
C TYR B 32 -8.30 5.80 5.89
N GLY B 33 -7.11 5.91 5.30
CA GLY B 33 -7.01 6.31 3.92
C GLY B 33 -7.42 5.20 2.97
N ILE B 34 -7.69 5.56 1.70
CA ILE B 34 -8.06 4.60 0.65
C ILE B 34 -7.18 4.85 -0.57
N HIS B 35 -6.57 3.79 -1.09
CA HIS B 35 -5.77 3.81 -2.31
C HIS B 35 -6.60 3.30 -3.49
N TRP B 36 -6.27 3.80 -4.69
CA TRP B 36 -6.72 3.20 -5.94
C TRP B 36 -5.52 2.60 -6.66
N VAL B 37 -5.67 1.36 -7.11
CA VAL B 37 -4.64 0.66 -7.88
C VAL B 37 -5.35 0.02 -9.07
N ARG B 38 -4.70 0.02 -10.24
CA ARG B 38 -5.30 -0.59 -11.42
C ARG B 38 -4.36 -1.61 -12.04
N GLN B 39 -4.94 -2.47 -12.88
CA GLN B 39 -4.24 -3.58 -13.49
C GLN B 39 -4.77 -3.75 -14.92
N PRO B 40 -4.04 -3.27 -15.92
CA PRO B 40 -4.47 -3.49 -17.31
C PRO B 40 -4.47 -4.97 -17.63
N PRO B 41 -5.23 -5.39 -18.64
CA PRO B 41 -5.37 -6.83 -18.92
C PRO B 41 -4.03 -7.50 -19.14
N GLY B 42 -3.82 -8.62 -18.43
CA GLY B 42 -2.59 -9.41 -18.48
C GLY B 42 -1.32 -8.65 -18.15
N LYS B 43 -1.45 -7.55 -17.43
CA LYS B 43 -0.34 -6.65 -17.16
C LYS B 43 -0.27 -6.44 -15.65
N GLY B 44 0.76 -5.75 -15.19
CA GLY B 44 1.03 -5.60 -13.76
C GLY B 44 0.30 -4.43 -13.13
N LEU B 45 0.55 -4.26 -11.83
CA LEU B 45 -0.23 -3.34 -11.02
C LEU B 45 0.36 -1.94 -11.08
N GLU B 46 -0.52 -0.94 -11.00
CA GLU B 46 -0.07 0.44 -11.07
C GLU B 46 -0.85 1.24 -10.04
N TRP B 47 -0.11 1.94 -9.17
CA TRP B 47 -0.73 2.76 -8.14
C TRP B 47 -1.22 4.07 -8.74
N LEU B 48 -2.46 4.43 -8.44
CA LEU B 48 -3.06 5.65 -8.97
C LEU B 48 -3.02 6.80 -7.97
N GLY B 49 -3.32 6.55 -6.72
CA GLY B 49 -3.29 7.61 -5.73
C GLY B 49 -4.00 7.19 -4.45
N VAL B 50 -4.07 8.12 -3.52
CA VAL B 50 -4.62 7.84 -2.20
C VAL B 50 -5.36 9.08 -1.70
N ILE B 51 -6.44 8.84 -0.97
CA ILE B 51 -7.10 9.90 -0.20
C ILE B 51 -6.99 9.53 1.27
N TRP B 52 -6.31 10.37 2.04
CA TRP B 52 -6.02 9.97 3.41
C TRP B 52 -7.25 10.21 4.30
N ALA B 53 -7.15 9.70 5.53
CA ALA B 53 -8.25 9.82 6.50
C ALA B 53 -8.69 11.27 6.66
N GLY B 54 -7.74 12.21 6.62
CA GLY B 54 -8.08 13.61 6.83
C GLY B 54 -8.60 14.33 5.60
N GLY B 55 -8.58 13.69 4.44
CA GLY B 55 -9.15 14.24 3.22
C GLY B 55 -8.14 14.67 2.17
N TYR B 56 -6.90 14.95 2.57
CA TYR B 56 -5.88 15.31 1.60
C TYR B 56 -5.57 14.15 0.66
N THR B 57 -5.10 14.48 -0.54
CA THR B 57 -4.85 13.49 -1.57
C THR B 57 -3.41 13.55 -2.06
N LYS B 58 -2.98 12.43 -2.63
CA LYS B 58 -1.70 12.30 -3.31
C LYS B 58 -1.93 11.41 -4.51
N TYR B 59 -1.57 11.90 -5.70
CA TYR B 59 -1.75 11.13 -6.93
C TYR B 59 -0.41 10.72 -7.51
N ASN B 60 -0.45 9.67 -8.31
CA ASN B 60 0.71 9.28 -9.09
C ASN B 60 1.03 10.40 -10.07
N SER B 61 2.26 10.91 -10.00
CA SER B 61 2.64 12.07 -10.80
C SER B 61 2.58 11.78 -12.29
N ALA B 62 2.60 10.51 -12.70
CA ALA B 62 2.48 10.16 -14.11
C ALA B 62 1.06 10.35 -14.64
N LEU B 63 0.09 10.55 -13.75
CA LEU B 63 -1.28 10.79 -14.19
C LEU B 63 -2.02 11.80 -13.34
N MET B 64 -1.35 12.61 -12.51
CA MET B 64 -2.05 13.58 -11.68
C MET B 64 -2.76 14.65 -12.51
N SER B 65 -2.40 14.82 -13.79
CA SER B 65 -3.11 15.79 -14.61
C SER B 65 -4.53 15.35 -14.94
N ARG B 66 -4.81 14.05 -14.84
CA ARG B 66 -6.08 13.50 -15.28
C ARG B 66 -6.89 12.87 -14.16
N LEU B 67 -6.32 12.73 -12.97
CA LEU B 67 -6.92 11.98 -11.89
C LEU B 67 -7.29 12.89 -10.74
N SER B 68 -8.47 12.65 -10.16
CA SER B 68 -8.86 13.33 -8.94
C SER B 68 -9.63 12.35 -8.07
N MET B 69 -9.63 12.63 -6.77
CA MET B 69 -10.21 11.75 -5.76
C MET B 69 -10.92 12.60 -4.73
N SER B 70 -12.00 12.06 -4.17
CA SER B 70 -12.76 12.73 -3.12
C SER B 70 -13.46 11.64 -2.33
N LYS B 71 -14.18 12.05 -1.28
CA LYS B 71 -14.84 11.04 -0.46
C LYS B 71 -16.01 11.66 0.28
N ASP B 72 -16.88 10.80 0.78
CA ASP B 72 -18.07 11.18 1.54
C ASP B 72 -18.06 10.31 2.80
N ASN B 73 -17.57 10.88 3.90
CA ASN B 73 -17.40 10.11 5.13
C ASN B 73 -18.73 9.50 5.59
N SER B 74 -19.81 10.28 5.49
CA SER B 74 -21.11 9.82 5.96
C SER B 74 -21.69 8.71 5.12
N LYS B 75 -21.29 8.61 3.85
CA LYS B 75 -21.74 7.53 2.99
C LYS B 75 -20.77 6.36 2.95
N SER B 76 -19.62 6.48 3.63
CA SER B 76 -18.57 5.46 3.59
C SER B 76 -18.15 5.16 2.15
N GLN B 77 -18.03 6.22 1.36
CA GLN B 77 -17.68 6.08 -0.05
C GLN B 77 -16.50 6.98 -0.41
N VAL B 78 -15.64 6.46 -1.29
CA VAL B 78 -14.53 7.20 -1.87
C VAL B 78 -14.71 7.17 -3.38
N PHE B 79 -14.37 8.28 -4.03
CA PHE B 79 -14.65 8.44 -5.46
C PHE B 79 -13.35 8.67 -6.22
N LEU B 80 -13.27 8.04 -7.40
CA LEU B 80 -12.22 8.28 -8.37
C LEU B 80 -12.85 8.87 -9.62
N LYS B 81 -12.22 9.91 -10.17
CA LYS B 81 -12.62 10.46 -11.45
C LYS B 81 -11.37 10.63 -12.30
N MET B 82 -11.43 10.10 -13.52
CA MET B 82 -10.34 10.24 -14.48
C MET B 82 -10.91 10.76 -15.79
N ASN B 83 -10.25 11.77 -16.35
CA ASN B 83 -10.67 12.36 -17.60
C ASN B 83 -9.59 12.16 -18.66
N SER B 84 -9.83 12.72 -19.85
CA SER B 84 -8.94 12.56 -21.00
C SER B 84 -8.55 11.09 -21.19
N LEU B 85 -9.58 10.24 -21.21
CA LEU B 85 -9.35 8.81 -21.19
C LEU B 85 -8.67 8.33 -22.47
N GLN B 86 -7.78 7.35 -22.31
CA GLN B 86 -7.11 6.70 -23.43
C GLN B 86 -7.43 5.22 -23.40
N THR B 87 -7.21 4.57 -24.54
CA THR B 87 -7.45 3.13 -24.66
C THR B 87 -6.71 2.36 -23.57
N ASP B 88 -5.47 2.73 -23.30
CA ASP B 88 -4.67 2.05 -22.29
C ASP B 88 -5.13 2.33 -20.86
N ASP B 89 -6.19 3.12 -20.66
CA ASP B 89 -6.83 3.19 -19.35
C ASP B 89 -7.75 2.00 -19.10
N THR B 90 -7.95 1.14 -20.09
CA THR B 90 -8.69 -0.10 -19.87
C THR B 90 -7.93 -0.96 -18.86
N ALA B 91 -8.62 -1.33 -17.78
CA ALA B 91 -7.97 -2.04 -16.69
C ALA B 91 -9.02 -2.45 -15.66
N MET B 92 -8.61 -3.32 -14.74
CA MET B 92 -9.39 -3.56 -13.54
C MET B 92 -8.95 -2.56 -12.49
N TYR B 93 -9.92 -1.91 -11.84
CA TYR B 93 -9.65 -0.86 -10.87
C TYR B 93 -9.98 -1.38 -9.48
N TYR B 94 -9.01 -1.28 -8.55
CA TYR B 94 -9.17 -1.73 -7.18
C TYR B 94 -9.03 -0.55 -6.23
N CYS B 95 -9.81 -0.57 -5.15
CA CYS B 95 -9.52 0.26 -3.99
C CYS B 95 -8.96 -0.61 -2.88
N ALA B 96 -8.14 0.00 -2.02
CA ALA B 96 -7.47 -0.75 -0.97
C ALA B 96 -7.27 0.15 0.24
N ARG B 97 -7.40 -0.43 1.43
CA ARG B 97 -7.34 0.35 2.65
C ARG B 97 -5.90 0.63 3.05
N ASP B 98 -5.63 1.88 3.40
CA ASP B 98 -4.31 2.28 3.89
C ASP B 98 -4.15 1.89 5.35
N GLU B 99 -2.97 1.39 5.70
CA GLU B 99 -2.64 0.98 7.05
C GLU B 99 -1.36 1.67 7.50
N VAL B 100 -1.36 2.19 8.72
CA VAL B 100 -0.21 2.91 9.27
C VAL B 100 0.37 2.11 10.43
N ARG B 101 1.67 1.79 10.34
CA ARG B 101 2.44 1.23 11.43
C ARG B 101 3.62 2.16 11.71
N ARG B 102 4.32 1.92 12.81
CA ARG B 102 5.39 2.83 13.20
C ARG B 102 6.48 2.92 12.13
N ASP B 103 6.81 1.80 11.48
CA ASP B 103 7.94 1.79 10.56
C ASP B 103 7.56 1.42 9.13
N TYR B 104 6.27 1.34 8.81
CA TYR B 104 5.84 1.15 7.42
C TYR B 104 4.38 1.49 7.25
N TYR B 105 4.01 1.76 6.00
CA TYR B 105 2.63 1.82 5.55
C TYR B 105 2.30 0.58 4.73
N ALA B 106 1.02 0.24 4.65
CA ALA B 106 0.61 -0.97 3.97
C ALA B 106 -0.78 -0.80 3.38
N MET B 107 -1.18 -1.79 2.57
CA MET B 107 -2.44 -1.76 1.83
C MET B 107 -3.06 -3.10 2.26
N ASP B 108 -3.80 -3.10 3.39
CA ASP B 108 -4.03 -4.37 4.09
C ASP B 108 -5.34 -5.05 3.74
N TYR B 109 -6.27 -4.35 3.09
CA TYR B 109 -7.52 -4.95 2.63
C TYR B 109 -7.85 -4.41 1.25
N TRP B 110 -8.23 -5.29 0.33
CA TRP B 110 -8.48 -4.93 -1.06
C TRP B 110 -9.91 -5.27 -1.45
N GLY B 111 -10.48 -4.45 -2.33
CA GLY B 111 -11.75 -4.80 -2.95
C GLY B 111 -11.58 -5.87 -4.02
N GLN B 112 -12.70 -6.32 -4.57
CA GLN B 112 -12.67 -7.32 -5.64
C GLN B 112 -12.29 -6.73 -6.99
N GLY B 113 -12.32 -5.42 -7.14
CA GLY B 113 -12.02 -4.80 -8.42
C GLY B 113 -13.25 -4.65 -9.29
N THR B 114 -13.25 -3.60 -10.10
CA THR B 114 -14.29 -3.38 -11.11
C THR B 114 -13.62 -3.17 -12.45
N SER B 115 -14.20 -3.77 -13.48
CA SER B 115 -13.61 -3.76 -14.80
C SER B 115 -14.06 -2.52 -15.57
N VAL B 116 -13.10 -1.85 -16.19
CA VAL B 116 -13.39 -0.67 -17.01
C VAL B 116 -12.75 -0.87 -18.37
N THR B 117 -13.54 -0.81 -19.43
CA THR B 117 -13.05 -0.81 -20.79
C THR B 117 -13.26 0.57 -21.39
N VAL B 118 -12.23 1.12 -22.00
CA VAL B 118 -12.28 2.42 -22.65
C VAL B 118 -12.33 2.18 -24.15
N SER B 119 -13.50 2.40 -24.76
CA SER B 119 -13.69 2.15 -26.18
C SER B 119 -14.91 2.93 -26.65
N SER B 120 -14.88 3.31 -27.93
CA SER B 120 -16.00 4.00 -28.54
C SER B 120 -17.02 3.03 -29.13
N ALA B 121 -16.81 1.73 -28.98
CA ALA B 121 -17.76 0.74 -29.47
C ALA B 121 -18.97 0.65 -28.53
N SER B 122 -20.07 0.14 -29.06
CA SER B 122 -21.30 0.03 -28.29
C SER B 122 -21.33 -1.29 -27.53
N THR B 123 -22.00 -1.27 -26.36
CA THR B 123 -22.24 -2.51 -25.63
C THR B 123 -23.06 -3.48 -26.47
N LYS B 124 -22.84 -4.76 -26.25
CA LYS B 124 -23.64 -5.81 -26.89
C LYS B 124 -23.77 -6.98 -25.94
N GLY B 125 -25.00 -7.45 -25.73
CA GLY B 125 -25.25 -8.57 -24.86
C GLY B 125 -24.93 -9.88 -25.55
N PRO B 126 -24.57 -10.89 -24.76
CA PRO B 126 -24.25 -12.20 -25.34
C PRO B 126 -25.48 -13.02 -25.64
N SER B 127 -25.34 -13.90 -26.62
CA SER B 127 -26.26 -15.01 -26.81
C SER B 127 -25.71 -16.21 -26.04
N VAL B 128 -26.61 -16.96 -25.40
CA VAL B 128 -26.19 -18.10 -24.58
C VAL B 128 -26.77 -19.36 -25.19
N PHE B 129 -25.88 -20.28 -25.59
CA PHE B 129 -26.26 -21.53 -26.23
C PHE B 129 -25.82 -22.71 -25.37
N PRO B 130 -26.62 -23.77 -25.32
CA PRO B 130 -26.23 -24.93 -24.51
C PRO B 130 -25.19 -25.79 -25.22
N LEU B 131 -24.27 -26.32 -24.42
CA LEU B 131 -23.34 -27.37 -24.84
C LEU B 131 -23.85 -28.65 -24.20
N ALA B 132 -24.63 -29.42 -24.95
CA ALA B 132 -25.39 -30.52 -24.35
C ALA B 132 -24.48 -31.71 -24.08
N PRO B 133 -24.67 -32.40 -22.95
CA PRO B 133 -23.92 -33.63 -22.68
C PRO B 133 -24.45 -34.78 -23.52
N SER B 134 -23.54 -35.51 -24.16
CA SER B 134 -23.94 -36.65 -24.97
C SER B 134 -23.06 -37.86 -24.70
N GLY B 141 -18.64 -42.69 -17.14
CA GLY B 141 -19.05 -42.34 -15.79
C GLY B 141 -19.12 -40.85 -15.55
N THR B 142 -18.36 -40.08 -16.33
CA THR B 142 -18.31 -38.63 -16.21
C THR B 142 -18.81 -38.00 -17.51
N ALA B 143 -19.71 -37.04 -17.39
CA ALA B 143 -20.21 -36.31 -18.55
C ALA B 143 -19.83 -34.84 -18.44
N ALA B 144 -19.60 -34.21 -19.59
CA ALA B 144 -19.33 -32.78 -19.64
C ALA B 144 -20.49 -32.05 -20.30
N LEU B 145 -20.85 -30.90 -19.74
CA LEU B 145 -21.84 -30.01 -20.34
C LEU B 145 -21.40 -28.58 -20.13
N GLY B 146 -22.02 -27.66 -20.85
CA GLY B 146 -21.62 -26.28 -20.68
C GLY B 146 -22.58 -25.30 -21.32
N CYS B 147 -22.12 -24.05 -21.38
CA CYS B 147 -22.83 -22.96 -22.03
C CYS B 147 -21.85 -22.16 -22.86
N LEU B 148 -22.19 -21.93 -24.12
CA LEU B 148 -21.44 -21.05 -25.00
C LEU B 148 -22.00 -19.63 -24.86
N VAL B 149 -21.14 -18.69 -24.51
CA VAL B 149 -21.53 -17.29 -24.24
C VAL B 149 -20.88 -16.45 -25.33
N LYS B 150 -21.63 -16.09 -26.36
CA LYS B 150 -21.03 -15.66 -27.62
C LYS B 150 -21.45 -14.24 -28.00
N ASP B 151 -20.49 -13.50 -28.58
CA ASP B 151 -20.73 -12.21 -29.24
C ASP B 151 -21.21 -11.15 -28.26
N TYR B 152 -20.35 -10.76 -27.32
CA TYR B 152 -20.66 -9.71 -26.37
C TYR B 152 -19.52 -8.70 -26.31
N PHE B 153 -19.84 -7.50 -25.80
CA PHE B 153 -18.85 -6.46 -25.62
C PHE B 153 -19.35 -5.44 -24.61
N PRO B 154 -18.50 -4.97 -23.70
CA PRO B 154 -17.11 -5.38 -23.50
C PRO B 154 -17.02 -6.56 -22.56
N GLU B 155 -15.81 -6.95 -22.18
CA GLU B 155 -15.64 -7.77 -21.01
C GLU B 155 -16.10 -6.99 -19.78
N PRO B 156 -16.48 -7.68 -18.71
CA PRO B 156 -16.57 -9.13 -18.54
C PRO B 156 -18.01 -9.64 -18.48
N VAL B 157 -18.16 -10.95 -18.52
CA VAL B 157 -19.39 -11.61 -18.12
C VAL B 157 -19.09 -12.49 -16.91
N THR B 158 -20.08 -12.62 -16.03
CA THR B 158 -20.01 -13.60 -14.97
C THR B 158 -20.85 -14.81 -15.37
N VAL B 159 -20.31 -15.99 -15.12
CA VAL B 159 -21.03 -17.25 -15.33
C VAL B 159 -21.00 -18.03 -14.03
N SER B 160 -22.16 -18.50 -13.61
CA SER B 160 -22.28 -19.43 -12.50
C SER B 160 -23.11 -20.61 -12.95
N TRP B 161 -23.12 -21.65 -12.12
CA TRP B 161 -23.91 -22.85 -12.38
C TRP B 161 -24.80 -23.07 -11.18
N ASN B 162 -26.10 -23.26 -11.44
CA ASN B 162 -27.08 -23.52 -10.38
C ASN B 162 -27.01 -22.43 -9.30
N SER B 163 -27.02 -21.17 -9.75
CA SER B 163 -27.03 -19.99 -8.89
C SER B 163 -25.76 -19.87 -8.04
N GLY B 164 -24.67 -20.51 -8.46
CA GLY B 164 -23.44 -20.52 -7.72
C GLY B 164 -23.28 -21.69 -6.77
N ALA B 165 -24.27 -22.58 -6.69
CA ALA B 165 -24.16 -23.73 -5.81
C ALA B 165 -23.24 -24.79 -6.38
N LEU B 166 -23.10 -24.85 -7.71
CA LEU B 166 -22.28 -25.85 -8.37
C LEU B 166 -20.96 -25.20 -8.78
N THR B 167 -19.88 -25.57 -8.09
CA THR B 167 -18.55 -25.06 -8.39
C THR B 167 -17.53 -26.14 -8.70
N SER B 168 -17.67 -27.33 -8.11
CA SER B 168 -16.77 -28.44 -8.38
C SER B 168 -16.85 -28.85 -9.85
N GLY B 169 -15.68 -28.94 -10.50
CA GLY B 169 -15.61 -29.34 -11.88
C GLY B 169 -15.93 -28.26 -12.89
N VAL B 170 -16.21 -27.04 -12.45
CA VAL B 170 -16.54 -25.96 -13.37
C VAL B 170 -15.25 -25.38 -13.94
N HIS B 171 -15.24 -25.18 -15.26
CA HIS B 171 -14.18 -24.43 -15.92
C HIS B 171 -14.81 -23.37 -16.79
N THR B 172 -14.70 -22.11 -16.37
CA THR B 172 -15.13 -20.98 -17.20
C THR B 172 -13.90 -20.41 -17.86
N PHE B 173 -13.82 -20.52 -19.17
CA PHE B 173 -12.61 -20.21 -19.90
C PHE B 173 -12.45 -18.70 -20.09
N PRO B 174 -11.21 -18.21 -20.10
CA PRO B 174 -10.97 -16.83 -20.51
C PRO B 174 -11.57 -16.56 -21.87
N ALA B 175 -12.14 -15.37 -22.03
CA ALA B 175 -12.79 -15.02 -23.28
C ALA B 175 -11.77 -14.85 -24.41
N VAL B 176 -12.22 -15.09 -25.64
CA VAL B 176 -11.42 -14.87 -26.82
C VAL B 176 -12.01 -13.69 -27.61
N LEU B 177 -11.13 -12.86 -28.15
CA LEU B 177 -11.54 -11.75 -29.00
C LEU B 177 -11.67 -12.26 -30.43
N GLN B 178 -12.89 -12.20 -30.97
CA GLN B 178 -13.14 -12.65 -32.33
C GLN B 178 -12.80 -11.55 -33.32
N SER B 179 -12.69 -11.93 -34.59
CA SER B 179 -12.35 -10.97 -35.63
C SER B 179 -13.43 -9.90 -35.80
N SER B 180 -14.64 -10.18 -35.35
CA SER B 180 -15.72 -9.20 -35.34
C SER B 180 -15.56 -8.12 -34.28
N GLY B 181 -14.58 -8.25 -33.39
CA GLY B 181 -14.43 -7.35 -32.26
C GLY B 181 -15.25 -7.72 -31.06
N LEU B 182 -15.99 -8.82 -31.11
CA LEU B 182 -16.84 -9.27 -30.02
C LEU B 182 -16.18 -10.43 -29.30
N TYR B 183 -16.51 -10.57 -28.02
CA TYR B 183 -15.91 -11.62 -27.20
C TYR B 183 -16.81 -12.86 -27.18
N SER B 184 -16.18 -13.98 -26.87
CA SER B 184 -16.87 -15.25 -26.74
C SER B 184 -16.13 -16.10 -25.71
N LEU B 185 -16.90 -16.83 -24.90
CA LEU B 185 -16.29 -17.83 -24.03
C LEU B 185 -17.25 -19.00 -23.88
N SER B 186 -16.71 -20.11 -23.38
CA SER B 186 -17.51 -21.22 -22.94
C SER B 186 -17.25 -21.47 -21.46
N SER B 187 -18.27 -21.94 -20.77
CA SER B 187 -18.15 -22.42 -19.41
C SER B 187 -18.65 -23.85 -19.39
N VAL B 188 -17.84 -24.76 -18.86
CA VAL B 188 -18.18 -26.17 -18.87
C VAL B 188 -18.12 -26.69 -17.44
N VAL B 189 -18.76 -27.84 -17.23
CA VAL B 189 -18.68 -28.52 -15.94
C VAL B 189 -18.79 -30.00 -16.19
N THR B 190 -18.04 -30.78 -15.41
CA THR B 190 -18.14 -32.23 -15.46
C THR B 190 -18.97 -32.70 -14.28
N VAL B 191 -19.87 -33.64 -14.57
CA VAL B 191 -20.84 -34.16 -13.60
C VAL B 191 -20.94 -35.66 -13.78
N PRO B 192 -21.44 -36.38 -12.79
CA PRO B 192 -21.66 -37.82 -12.98
C PRO B 192 -22.79 -38.06 -13.98
N SER B 193 -22.51 -38.92 -14.96
CA SER B 193 -23.48 -39.19 -16.01
C SER B 193 -24.75 -39.83 -15.44
N SER B 194 -24.63 -40.56 -14.34
CA SER B 194 -25.80 -41.20 -13.73
C SER B 194 -26.81 -40.17 -13.23
N SER B 195 -26.37 -38.93 -12.99
CA SER B 195 -27.23 -37.89 -12.45
C SER B 195 -27.93 -37.06 -13.51
N LEU B 196 -27.65 -37.31 -14.80
CA LEU B 196 -28.15 -36.43 -15.85
C LEU B 196 -29.65 -36.49 -16.02
N GLY B 197 -30.30 -37.58 -15.61
CA GLY B 197 -31.73 -37.69 -15.79
C GLY B 197 -32.52 -37.08 -14.65
N THR B 198 -31.84 -36.79 -13.55
CA THR B 198 -32.46 -36.43 -12.28
C THR B 198 -32.02 -35.10 -11.73
N GLN B 199 -30.76 -34.71 -11.93
CA GLN B 199 -30.23 -33.43 -11.48
C GLN B 199 -30.34 -32.41 -12.60
N THR B 200 -30.64 -31.16 -12.25
CA THR B 200 -30.78 -30.10 -13.24
C THR B 200 -29.55 -29.20 -13.23
N TYR B 201 -29.12 -28.79 -14.41
CA TYR B 201 -27.94 -27.95 -14.57
C TYR B 201 -28.29 -26.74 -15.39
N ILE B 202 -28.16 -25.56 -14.79
CA ILE B 202 -28.52 -24.29 -15.41
C ILE B 202 -27.35 -23.34 -15.26
N CYS B 203 -26.92 -22.74 -16.37
CA CYS B 203 -25.88 -21.73 -16.31
C CYS B 203 -26.51 -20.36 -16.20
N ASN B 204 -25.95 -19.54 -15.32
CA ASN B 204 -26.45 -18.19 -15.07
C ASN B 204 -25.41 -17.21 -15.63
N VAL B 205 -25.84 -16.40 -16.59
CA VAL B 205 -24.95 -15.50 -17.30
C VAL B 205 -25.39 -14.07 -17.02
N ASN B 206 -24.43 -13.23 -16.66
CA ASN B 206 -24.71 -11.82 -16.37
C ASN B 206 -23.69 -10.98 -17.12
N HIS B 207 -24.17 -10.14 -18.03
CA HIS B 207 -23.33 -9.15 -18.72
C HIS B 207 -23.86 -7.79 -18.30
N LYS B 208 -23.26 -7.23 -17.24
CA LYS B 208 -23.76 -5.97 -16.70
C LYS B 208 -23.73 -4.80 -17.68
N PRO B 209 -22.68 -4.59 -18.50
CA PRO B 209 -22.69 -3.41 -19.38
C PRO B 209 -23.90 -3.33 -20.30
N SER B 210 -24.51 -4.45 -20.64
CA SER B 210 -25.70 -4.50 -21.48
C SER B 210 -26.95 -4.87 -20.70
N ASN B 211 -26.83 -5.01 -19.38
CA ASN B 211 -27.93 -5.42 -18.52
C ASN B 211 -28.61 -6.68 -19.05
N THR B 212 -27.79 -7.66 -19.38
CA THR B 212 -28.24 -8.95 -19.89
C THR B 212 -28.05 -9.99 -18.78
N LYS B 213 -29.14 -10.60 -18.34
CA LYS B 213 -29.09 -11.73 -17.42
C LYS B 213 -29.86 -12.89 -18.04
N VAL B 214 -29.19 -14.02 -18.20
CA VAL B 214 -29.74 -15.19 -18.87
C VAL B 214 -29.51 -16.42 -18.01
N ASP B 215 -30.55 -17.22 -17.82
CA ASP B 215 -30.44 -18.56 -17.27
C ASP B 215 -30.74 -19.55 -18.40
N LYS B 216 -29.84 -20.48 -18.65
CA LYS B 216 -30.04 -21.47 -19.69
C LYS B 216 -29.86 -22.86 -19.10
N LYS B 217 -30.95 -23.62 -19.05
CA LYS B 217 -30.90 -25.01 -18.64
C LYS B 217 -30.25 -25.85 -19.73
N VAL B 218 -29.33 -26.72 -19.34
CA VAL B 218 -28.60 -27.57 -20.29
C VAL B 218 -28.96 -29.02 -19.97
N GLU B 219 -29.53 -29.71 -20.95
CA GLU B 219 -29.97 -31.08 -20.76
C GLU B 219 -29.51 -31.94 -21.92
N PRO B 220 -29.37 -33.24 -21.71
CA PRO B 220 -29.01 -34.13 -22.83
C PRO B 220 -30.08 -34.13 -23.88
N LYS B 221 -29.66 -34.30 -25.13
CA LYS B 221 -30.59 -34.38 -26.26
C LYS B 221 -31.31 -35.74 -26.30
N PCA C 1 10.62 7.24 -11.21
CA PCA C 1 9.98 6.22 -10.39
CB PCA C 1 8.77 5.64 -11.11
CG PCA C 1 8.89 6.07 -12.55
CD PCA C 1 9.96 7.12 -12.50
OE PCA C 1 10.22 7.83 -13.47
C PCA C 1 10.95 5.10 -10.04
O PCA C 1 11.89 4.84 -10.79
N ILE C 2 10.74 4.44 -8.90
CA ILE C 2 11.50 3.25 -8.59
C ILE C 2 10.97 2.10 -9.45
N VAL C 3 11.84 1.51 -10.25
CA VAL C 3 11.47 0.37 -11.09
C VAL C 3 11.82 -0.91 -10.33
N LEU C 4 10.84 -1.79 -10.19
CA LEU C 4 11.03 -3.07 -9.50
C LEU C 4 11.06 -4.17 -10.54
N SER C 5 12.18 -4.87 -10.64
CA SER C 5 12.34 -5.92 -11.65
C SER C 5 12.37 -7.27 -10.93
N GLN C 6 11.36 -8.10 -11.20
CA GLN C 6 11.25 -9.38 -10.54
C GLN C 6 11.83 -10.47 -11.43
N SER C 7 12.65 -11.33 -10.84
CA SER C 7 13.29 -12.37 -11.60
C SER C 7 13.23 -13.65 -10.80
N PRO C 8 12.96 -14.78 -11.46
CA PRO C 8 12.67 -14.90 -12.89
C PRO C 8 11.20 -14.57 -13.14
N ALA C 9 10.77 -14.43 -14.39
CA ALA C 9 9.37 -14.15 -14.68
C ALA C 9 8.48 -15.34 -14.34
N ILE C 10 8.97 -16.56 -14.56
CA ILE C 10 8.23 -17.78 -14.24
C ILE C 10 9.13 -18.72 -13.47
N LEU C 11 8.65 -19.14 -12.30
CA LEU C 11 9.27 -20.18 -11.48
C LEU C 11 8.45 -21.45 -11.59
N SER C 12 9.06 -22.51 -12.09
CA SER C 12 8.44 -23.82 -12.16
C SER C 12 9.02 -24.69 -11.06
N ALA C 13 8.16 -25.24 -10.21
CA ALA C 13 8.61 -26.02 -9.07
C ALA C 13 7.71 -27.23 -8.85
N SER C 14 8.31 -28.33 -8.44
CA SER C 14 7.55 -29.48 -7.99
C SER C 14 7.19 -29.32 -6.52
N PRO C 15 6.12 -29.96 -6.07
CA PRO C 15 5.76 -29.89 -4.65
C PRO C 15 6.91 -30.40 -3.79
N GLY C 16 7.17 -29.71 -2.69
CA GLY C 16 8.23 -30.07 -1.78
C GLY C 16 9.55 -29.35 -2.02
N GLU C 17 9.71 -28.71 -3.17
CA GLU C 17 10.96 -28.01 -3.44
C GLU C 17 10.95 -26.62 -2.82
N LYS C 18 12.16 -26.13 -2.53
CA LYS C 18 12.34 -24.78 -2.04
C LYS C 18 12.60 -23.86 -3.22
N VAL C 19 11.91 -22.72 -3.27
CA VAL C 19 12.08 -21.78 -4.35
C VAL C 19 12.25 -20.37 -3.80
N THR C 20 13.02 -19.57 -4.52
CA THR C 20 13.26 -18.19 -4.15
C THR C 20 13.04 -17.31 -5.37
N MET C 21 12.30 -16.23 -5.19
CA MET C 21 12.09 -15.26 -6.25
C MET C 21 12.64 -13.92 -5.77
N THR C 22 13.21 -13.15 -6.70
CA THR C 22 13.95 -11.95 -6.38
C THR C 22 13.23 -10.71 -6.90
N CYS C 23 13.30 -9.63 -6.14
CA CYS C 23 12.79 -8.33 -6.55
C CYS C 23 13.93 -7.33 -6.43
N TRP C 24 14.40 -6.84 -7.58
CA TRP C 24 15.50 -5.89 -7.67
C TRP C 24 14.95 -4.48 -7.92
N ALA C 25 15.32 -3.53 -7.07
CA ALA C 25 14.87 -2.14 -7.20
C ALA C 25 15.93 -1.28 -7.87
N SER C 26 15.49 -0.36 -8.73
CA SER C 26 16.43 0.48 -9.47
C SER C 26 17.24 1.42 -8.57
N SER C 27 16.73 1.69 -7.37
CA SER C 27 17.44 2.41 -6.32
C SER C 27 17.03 1.79 -5.00
N GLY C 28 17.85 2.00 -3.97
CA GLY C 28 17.60 1.37 -2.69
C GLY C 28 16.29 1.85 -2.07
N VAL C 29 15.57 0.91 -1.46
CA VAL C 29 14.37 1.21 -0.69
C VAL C 29 14.48 0.52 0.66
N SER C 30 13.69 0.99 1.63
CA SER C 30 13.88 0.58 3.02
C SER C 30 13.16 -0.71 3.38
N TYR C 31 12.12 -1.09 2.64
CA TYR C 31 11.41 -2.34 2.86
C TYR C 31 10.63 -2.68 1.59
N MET C 32 10.13 -3.92 1.55
CA MET C 32 9.41 -4.45 0.38
C MET C 32 8.16 -5.18 0.84
N HIS C 33 7.02 -4.86 0.23
CA HIS C 33 5.79 -5.63 0.43
C HIS C 33 5.71 -6.69 -0.66
N TRP C 34 5.01 -7.78 -0.36
CA TRP C 34 4.68 -8.79 -1.36
C TRP C 34 3.18 -9.08 -1.32
N TYR C 35 2.61 -9.35 -2.51
CA TYR C 35 1.22 -9.71 -2.68
C TYR C 35 1.10 -10.99 -3.49
N GLN C 36 0.10 -11.80 -3.17
CA GLN C 36 -0.23 -12.99 -3.95
C GLN C 36 -1.51 -12.73 -4.72
N GLN C 37 -1.50 -13.05 -6.01
CA GLN C 37 -2.70 -12.94 -6.83
C GLN C 37 -2.94 -14.21 -7.61
N LYS C 38 -4.14 -14.75 -7.47
CA LYS C 38 -4.59 -15.86 -8.27
C LYS C 38 -5.60 -15.36 -9.29
N PRO C 39 -5.71 -16.04 -10.42
CA PRO C 39 -6.55 -15.53 -11.52
C PRO C 39 -7.99 -15.32 -11.08
N GLY C 40 -8.54 -14.18 -11.49
CA GLY C 40 -9.90 -13.83 -11.14
C GLY C 40 -10.08 -13.19 -9.79
N SER C 41 -9.00 -13.03 -9.02
CA SER C 41 -9.07 -12.45 -7.68
C SER C 41 -8.16 -11.24 -7.59
N SER C 42 -8.41 -10.41 -6.57
CA SER C 42 -7.58 -9.25 -6.32
C SER C 42 -6.27 -9.66 -5.66
N PRO C 43 -5.24 -8.81 -5.76
CA PRO C 43 -4.01 -9.05 -4.99
C PRO C 43 -4.33 -9.19 -3.50
N LYS C 44 -3.65 -10.14 -2.87
CA LYS C 44 -3.81 -10.43 -1.46
C LYS C 44 -2.53 -10.06 -0.73
N PRO C 45 -2.56 -9.18 0.26
CA PRO C 45 -1.35 -8.93 1.04
C PRO C 45 -0.76 -10.23 1.56
N TRP C 46 0.53 -10.41 1.34
CA TRP C 46 1.20 -11.67 1.65
C TRP C 46 2.36 -11.48 2.61
N ILE C 47 3.24 -10.52 2.33
CA ILE C 47 4.32 -10.17 3.24
C ILE C 47 4.33 -8.65 3.39
N PHE C 48 4.33 -8.18 4.63
CA PHE C 48 4.40 -6.77 4.96
C PHE C 48 5.82 -6.43 5.40
N ALA C 49 6.40 -5.38 4.81
CA ALA C 49 7.65 -4.79 5.32
C ALA C 49 8.76 -5.83 5.42
N THR C 50 8.99 -6.50 4.30
CA THR C 50 10.15 -7.34 3.99
C THR C 50 9.97 -8.76 4.53
N SER C 51 9.59 -8.92 5.80
CA SER C 51 9.63 -10.25 6.40
C SER C 51 8.40 -10.62 7.23
N ASN C 52 7.40 -9.75 7.34
CA ASN C 52 6.27 -10.01 8.24
C ASN C 52 5.14 -10.67 7.45
N LEU C 53 4.84 -11.93 7.79
CA LEU C 53 3.78 -12.64 7.09
C LEU C 53 2.42 -12.04 7.43
N ALA C 54 1.60 -11.84 6.41
CA ALA C 54 0.23 -11.42 6.65
C ALA C 54 -0.54 -12.54 7.35
N SER C 55 -1.61 -12.15 8.05
CA SER C 55 -2.42 -13.12 8.78
C SER C 55 -2.93 -14.20 7.83
N GLY C 56 -2.79 -15.47 8.23
CA GLY C 56 -3.23 -16.58 7.44
C GLY C 56 -2.19 -17.13 6.47
N VAL C 57 -1.08 -16.44 6.26
CA VAL C 57 -0.07 -16.92 5.31
C VAL C 57 0.70 -18.08 5.94
N PRO C 58 0.86 -19.21 5.24
CA PRO C 58 1.54 -20.36 5.85
C PRO C 58 2.99 -20.05 6.19
N ALA C 59 3.49 -20.76 7.21
CA ALA C 59 4.84 -20.53 7.70
C ALA C 59 5.91 -20.92 6.69
N ARG C 60 5.57 -21.72 5.67
CA ARG C 60 6.55 -22.07 4.65
C ARG C 60 7.01 -20.86 3.85
N PHE C 61 6.29 -19.75 3.92
CA PHE C 61 6.69 -18.52 3.27
C PHE C 61 7.61 -17.70 4.16
N SER C 62 8.59 -17.04 3.55
CA SER C 62 9.39 -16.07 4.27
C SER C 62 9.83 -14.99 3.28
N GLY C 63 10.17 -13.82 3.81
CA GLY C 63 10.71 -12.75 3.01
C GLY C 63 11.97 -12.20 3.64
N SER C 64 12.85 -11.67 2.79
CA SER C 64 14.09 -11.09 3.29
C SER C 64 14.57 -10.03 2.30
N GLY C 65 15.59 -9.28 2.72
CA GLY C 65 16.21 -8.32 1.84
C GLY C 65 16.47 -6.95 2.42
N SER C 66 17.06 -6.07 1.61
CA SER C 66 17.42 -4.71 1.98
C SER C 66 17.98 -4.01 0.75
N GLY C 67 18.02 -2.68 0.82
CA GLY C 67 18.63 -1.90 -0.25
C GLY C 67 17.93 -2.13 -1.58
N THR C 68 18.67 -2.66 -2.57
CA THR C 68 18.12 -2.86 -3.90
C THR C 68 17.71 -4.30 -4.18
N SER C 69 17.78 -5.18 -3.18
CA SER C 69 17.58 -6.61 -3.45
C SER C 69 16.76 -7.26 -2.35
N TYR C 70 15.56 -7.73 -2.71
CA TYR C 70 14.64 -8.40 -1.81
C TYR C 70 14.21 -9.74 -2.40
N SER C 71 13.75 -10.64 -1.54
CA SER C 71 13.38 -11.96 -2.01
C SER C 71 12.21 -12.51 -1.21
N LEU C 72 11.50 -13.44 -1.84
CA LEU C 72 10.44 -14.23 -1.21
C LEU C 72 10.81 -15.68 -1.40
N THR C 73 10.75 -16.46 -0.33
CA THR C 73 11.15 -17.86 -0.36
C THR C 73 10.01 -18.73 0.13
N ILE C 74 9.79 -19.85 -0.56
CA ILE C 74 8.86 -20.88 -0.12
C ILE C 74 9.69 -22.11 0.21
N SER C 75 9.66 -22.52 1.47
CA SER C 75 10.59 -23.56 1.93
C SER C 75 10.26 -24.91 1.32
N ARG C 76 8.97 -25.24 1.23
CA ARG C 76 8.51 -26.46 0.56
C ARG C 76 7.22 -26.10 -0.17
N VAL C 77 7.29 -26.02 -1.51
CA VAL C 77 6.15 -25.54 -2.30
C VAL C 77 5.01 -26.55 -2.24
N GLU C 78 3.78 -26.03 -2.33
CA GLU C 78 2.58 -26.84 -2.36
C GLU C 78 1.73 -26.41 -3.54
N ALA C 79 0.84 -27.30 -3.98
CA ALA C 79 0.05 -27.04 -5.19
C ALA C 79 -0.71 -25.73 -5.08
N GLU C 80 -1.25 -25.42 -3.90
CA GLU C 80 -2.02 -24.20 -3.71
C GLU C 80 -1.18 -22.93 -3.84
N ASP C 81 0.16 -23.04 -3.88
CA ASP C 81 1.01 -21.87 -4.02
C ASP C 81 1.07 -21.35 -5.44
N ALA C 82 0.53 -22.07 -6.43
CA ALA C 82 0.51 -21.61 -7.81
C ALA C 82 -0.25 -20.28 -7.90
N ALA C 83 0.43 -19.24 -8.37
CA ALA C 83 -0.07 -17.87 -8.33
C ALA C 83 1.02 -16.95 -8.84
N THR C 84 0.67 -15.67 -9.00
CA THR C 84 1.64 -14.63 -9.30
C THR C 84 1.90 -13.81 -8.05
N TYR C 85 3.17 -13.52 -7.79
CA TYR C 85 3.61 -12.80 -6.59
C TYR C 85 4.22 -11.48 -7.02
N TYR C 86 3.71 -10.39 -6.47
CA TYR C 86 4.16 -9.04 -6.79
C TYR C 86 4.87 -8.43 -5.60
N CYS C 87 5.99 -7.76 -5.86
CA CYS C 87 6.60 -6.91 -4.85
C CYS C 87 6.16 -5.45 -5.05
N GLN C 88 6.33 -4.66 -3.99
CA GLN C 88 5.89 -3.28 -3.98
C GLN C 88 6.72 -2.47 -3.00
N GLN C 89 7.18 -1.30 -3.43
CA GLN C 89 7.98 -0.44 -2.56
C GLN C 89 7.14 0.74 -2.10
N TRP C 90 7.43 1.22 -0.90
CA TRP C 90 6.72 2.33 -0.30
C TRP C 90 7.70 3.38 0.24
N SER C 91 8.88 3.48 -0.37
CA SER C 91 9.90 4.41 0.09
C SER C 91 9.94 5.71 -0.71
N PHE C 92 9.40 5.71 -1.93
CA PHE C 92 9.42 6.90 -2.77
C PHE C 92 8.09 6.98 -3.51
N ASN C 93 7.62 8.22 -3.69
CA ASN C 93 6.47 8.47 -4.56
C ASN C 93 6.92 8.48 -6.02
N PRO C 94 6.13 7.92 -6.94
CA PRO C 94 4.88 7.18 -6.71
C PRO C 94 5.13 5.78 -6.20
N LEU C 95 4.23 5.23 -5.39
CA LEU C 95 4.28 3.80 -5.08
C LEU C 95 4.36 3.00 -6.37
N THR C 96 5.22 1.98 -6.38
CA THR C 96 5.39 1.17 -7.58
C THR C 96 5.42 -0.31 -7.23
N PHE C 97 4.97 -1.13 -8.18
CA PHE C 97 4.92 -2.58 -8.08
C PHE C 97 5.86 -3.20 -9.10
N GLY C 98 6.37 -4.39 -8.79
CA GLY C 98 7.00 -5.22 -9.81
C GLY C 98 5.94 -5.81 -10.71
N ALA C 99 6.40 -6.42 -11.81
CA ALA C 99 5.48 -7.01 -12.78
C ALA C 99 5.10 -8.45 -12.43
N GLY C 100 5.62 -8.98 -11.33
CA GLY C 100 5.18 -10.28 -10.85
C GLY C 100 6.08 -11.44 -11.24
N THR C 101 6.21 -12.40 -10.33
CA THR C 101 6.77 -13.71 -10.62
C THR C 101 5.63 -14.71 -10.58
N LYS C 102 5.44 -15.45 -11.67
CA LYS C 102 4.41 -16.46 -11.75
C LYS C 102 5.01 -17.82 -11.33
N LEU C 103 4.55 -18.34 -10.20
CA LEU C 103 4.96 -19.68 -9.77
C LEU C 103 4.07 -20.71 -10.44
N GLU C 104 4.67 -21.55 -11.28
CA GLU C 104 3.97 -22.67 -11.91
C GLU C 104 4.36 -23.97 -11.21
N LEU C 105 3.37 -24.79 -10.90
CA LEU C 105 3.61 -26.04 -10.19
C LEU C 105 3.76 -27.18 -11.20
N LYS C 106 4.77 -28.02 -10.97
CA LYS C 106 4.89 -29.22 -11.79
C LYS C 106 4.14 -30.37 -11.13
N ARG C 107 3.80 -31.36 -11.94
CA ARG C 107 3.15 -32.57 -11.45
C ARG C 107 3.39 -33.66 -12.49
N THR C 108 3.00 -34.88 -12.13
CA THR C 108 3.13 -35.98 -13.06
C THR C 108 2.21 -35.74 -14.25
N VAL C 109 2.59 -36.31 -15.39
CA VAL C 109 1.82 -36.13 -16.61
C VAL C 109 0.41 -36.65 -16.39
N ALA C 110 -0.59 -35.89 -16.88
CA ALA C 110 -1.99 -36.27 -16.81
C ALA C 110 -2.62 -36.06 -18.19
N ALA C 111 -3.13 -37.12 -18.78
CA ALA C 111 -3.75 -37.02 -20.10
C ALA C 111 -5.09 -36.27 -20.01
N PRO C 112 -5.43 -35.49 -21.02
CA PRO C 112 -6.74 -34.82 -21.02
C PRO C 112 -7.88 -35.78 -21.28
N SER C 113 -9.02 -35.49 -20.66
CA SER C 113 -10.28 -36.08 -21.08
C SER C 113 -10.84 -35.20 -22.19
N VAL C 114 -11.20 -35.82 -23.31
CA VAL C 114 -11.58 -35.08 -24.51
C VAL C 114 -13.06 -35.24 -24.75
N PHE C 115 -13.75 -34.12 -24.97
CA PHE C 115 -15.17 -34.06 -25.24
C PHE C 115 -15.39 -33.17 -26.47
N ILE C 116 -16.40 -33.51 -27.27
CA ILE C 116 -16.76 -32.69 -28.42
C ILE C 116 -18.24 -32.35 -28.35
N PHE C 117 -18.57 -31.11 -28.72
CA PHE C 117 -19.92 -30.58 -28.62
C PHE C 117 -20.38 -30.08 -29.98
N PRO C 118 -21.43 -30.66 -30.56
CA PRO C 118 -21.96 -30.13 -31.82
C PRO C 118 -22.59 -28.77 -31.60
N PRO C 119 -22.79 -27.99 -32.67
CA PRO C 119 -23.55 -26.73 -32.52
C PRO C 119 -24.97 -27.01 -32.05
N SER C 120 -25.48 -26.12 -31.23
CA SER C 120 -26.87 -26.22 -30.80
C SER C 120 -27.80 -25.85 -31.93
N ASP C 121 -29.00 -26.44 -31.91
CA ASP C 121 -29.97 -26.11 -32.94
C ASP C 121 -30.37 -24.64 -32.87
N GLU C 122 -30.40 -24.06 -31.66
CA GLU C 122 -30.70 -22.64 -31.53
C GLU C 122 -29.67 -21.77 -32.23
N GLN C 123 -28.39 -22.08 -32.05
CA GLN C 123 -27.36 -21.29 -32.73
C GLN C 123 -27.44 -21.46 -34.24
N LEU C 124 -27.72 -22.68 -34.70
CA LEU C 124 -27.81 -22.92 -36.14
C LEU C 124 -28.92 -22.09 -36.77
N LYS C 125 -30.05 -21.95 -36.06
CA LYS C 125 -31.16 -21.17 -36.59
C LYS C 125 -30.75 -19.72 -36.84
N SER C 126 -29.76 -19.23 -36.11
CA SER C 126 -29.29 -17.85 -36.25
C SER C 126 -28.11 -17.71 -37.20
N GLY C 127 -27.71 -18.78 -37.90
CA GLY C 127 -26.84 -18.67 -39.05
C GLY C 127 -25.40 -19.07 -38.83
N THR C 128 -25.01 -19.38 -37.59
CA THR C 128 -23.62 -19.68 -37.27
C THR C 128 -23.55 -21.04 -36.59
N ALA C 129 -22.42 -21.73 -36.80
CA ALA C 129 -22.16 -23.02 -36.18
C ALA C 129 -20.85 -22.93 -35.41
N SER C 130 -20.91 -23.17 -34.10
CA SER C 130 -19.74 -23.27 -33.25
C SER C 130 -19.61 -24.71 -32.78
N VAL C 131 -18.47 -25.34 -33.08
CA VAL C 131 -18.16 -26.69 -32.60
C VAL C 131 -17.06 -26.55 -31.56
N VAL C 132 -17.29 -27.12 -30.37
CA VAL C 132 -16.37 -26.97 -29.25
C VAL C 132 -15.73 -28.32 -28.92
N CYS C 133 -14.40 -28.33 -28.86
CA CYS C 133 -13.67 -29.48 -28.36
C CYS C 133 -13.09 -29.10 -27.01
N LEU C 134 -13.31 -29.95 -26.00
CA LEU C 134 -12.87 -29.69 -24.63
C LEU C 134 -11.79 -30.69 -24.23
N LEU C 135 -10.67 -30.17 -23.73
CA LEU C 135 -9.59 -30.97 -23.14
C LEU C 135 -9.57 -30.66 -21.65
N ASN C 136 -9.89 -31.65 -20.81
CA ASN C 136 -10.18 -31.39 -19.41
C ASN C 136 -9.10 -31.99 -18.50
N ASN C 137 -8.57 -31.17 -17.61
CA ASN C 137 -7.72 -31.57 -16.49
C ASN C 137 -6.49 -32.35 -16.94
N PHE C 138 -5.58 -31.63 -17.60
CA PHE C 138 -4.39 -32.26 -18.14
C PHE C 138 -3.13 -31.50 -17.73
N TYR C 139 -2.00 -32.19 -17.86
CA TYR C 139 -0.69 -31.62 -17.57
C TYR C 139 0.32 -32.43 -18.36
N PRO C 140 1.32 -31.80 -19.01
CA PRO C 140 1.62 -30.35 -19.04
C PRO C 140 0.63 -29.55 -19.87
N ARG C 141 0.78 -28.22 -19.87
CA ARG C 141 -0.18 -27.36 -20.56
C ARG C 141 -0.08 -27.52 -22.08
N GLU C 142 1.10 -27.87 -22.59
CA GLU C 142 1.28 -27.96 -24.03
C GLU C 142 0.41 -29.07 -24.62
N ALA C 143 -0.35 -28.73 -25.65
CA ALA C 143 -1.19 -29.70 -26.34
C ALA C 143 -1.45 -29.20 -27.75
N LYS C 144 -1.66 -30.14 -28.67
CA LYS C 144 -2.00 -29.83 -30.06
C LYS C 144 -3.41 -30.34 -30.34
N VAL C 145 -4.29 -29.43 -30.78
CA VAL C 145 -5.66 -29.76 -31.15
C VAL C 145 -5.90 -29.28 -32.58
N GLN C 146 -6.17 -30.21 -33.48
CA GLN C 146 -6.45 -29.90 -34.87
C GLN C 146 -7.86 -30.36 -35.22
N TRP C 147 -8.51 -29.59 -36.08
CA TRP C 147 -9.87 -29.90 -36.52
C TRP C 147 -9.82 -30.58 -37.90
N LYS C 148 -10.62 -31.63 -38.04
CA LYS C 148 -10.80 -32.32 -39.31
C LYS C 148 -12.27 -32.30 -39.65
N VAL C 149 -12.60 -31.75 -40.82
CA VAL C 149 -13.96 -31.73 -41.35
C VAL C 149 -13.97 -32.58 -42.61
N ASP C 150 -14.68 -33.71 -42.56
CA ASP C 150 -14.67 -34.68 -43.65
C ASP C 150 -13.23 -35.10 -43.97
N ASN C 151 -12.42 -35.27 -42.93
CA ASN C 151 -11.02 -35.65 -42.98
C ASN C 151 -10.12 -34.58 -43.60
N ALA C 152 -10.64 -33.38 -43.84
CA ALA C 152 -9.85 -32.27 -44.34
C ALA C 152 -9.41 -31.39 -43.16
N LEU C 153 -8.10 -31.29 -42.95
CA LEU C 153 -7.58 -30.47 -41.87
C LEU C 153 -7.99 -29.01 -42.05
N GLN C 154 -8.46 -28.41 -40.96
CA GLN C 154 -8.92 -27.02 -40.97
C GLN C 154 -7.81 -26.07 -40.54
N SER C 155 -7.84 -24.85 -41.09
CA SER C 155 -6.83 -23.85 -40.78
C SER C 155 -7.48 -22.48 -40.71
N GLY C 156 -7.22 -21.77 -39.61
CA GLY C 156 -7.61 -20.37 -39.48
C GLY C 156 -9.05 -20.12 -39.09
N ASN C 157 -9.81 -21.14 -38.74
CA ASN C 157 -11.22 -21.00 -38.39
C ASN C 157 -11.52 -21.58 -37.01
N SER C 158 -10.52 -21.61 -36.14
CA SER C 158 -10.69 -22.08 -34.77
C SER C 158 -9.91 -21.19 -33.81
N GLN C 159 -10.36 -21.15 -32.56
CA GLN C 159 -9.69 -20.38 -31.52
C GLN C 159 -9.61 -21.20 -30.24
N GLU C 160 -8.51 -21.05 -29.52
CA GLU C 160 -8.25 -21.80 -28.31
C GLU C 160 -8.30 -20.88 -27.10
N SER C 161 -8.72 -21.44 -25.96
CA SER C 161 -8.64 -20.79 -24.67
C SER C 161 -8.19 -21.80 -23.62
N VAL C 162 -7.33 -21.37 -22.70
CA VAL C 162 -6.75 -22.25 -21.70
C VAL C 162 -7.03 -21.65 -20.32
N THR C 163 -7.44 -22.49 -19.38
CA THR C 163 -7.64 -22.02 -18.02
C THR C 163 -6.29 -21.81 -17.33
N GLU C 164 -6.33 -21.07 -16.23
CA GLU C 164 -5.13 -20.98 -15.42
C GLU C 164 -4.98 -22.27 -14.62
N GLN C 165 -3.79 -22.44 -14.05
CA GLN C 165 -3.48 -23.71 -13.40
C GLN C 165 -4.37 -23.92 -12.18
N ASP C 166 -4.89 -25.14 -12.05
CA ASP C 166 -5.76 -25.48 -10.94
C ASP C 166 -4.99 -25.48 -9.63
N SER C 167 -5.55 -24.84 -8.60
CA SER C 167 -4.87 -24.72 -7.31
C SER C 167 -4.83 -26.01 -6.53
N LYS C 168 -5.65 -27.00 -6.87
CA LYS C 168 -5.68 -28.25 -6.13
C LYS C 168 -4.88 -29.36 -6.80
N ASP C 169 -5.05 -29.57 -8.11
CA ASP C 169 -4.40 -30.67 -8.79
C ASP C 169 -3.38 -30.22 -9.85
N SER C 170 -3.15 -28.92 -9.98
CA SER C 170 -2.14 -28.34 -10.87
C SER C 170 -2.36 -28.70 -12.33
N THR C 171 -3.60 -28.98 -12.74
CA THR C 171 -3.88 -29.29 -14.13
C THR C 171 -4.39 -28.04 -14.86
N TYR C 172 -4.49 -28.17 -16.18
CA TYR C 172 -5.07 -27.16 -17.05
C TYR C 172 -6.25 -27.76 -17.78
N SER C 173 -7.10 -26.89 -18.33
CA SER C 173 -8.14 -27.29 -19.25
C SER C 173 -8.11 -26.35 -20.45
N LEU C 174 -8.59 -26.85 -21.58
CA LEU C 174 -8.46 -26.13 -22.84
C LEU C 174 -9.70 -26.36 -23.67
N SER C 175 -10.17 -25.30 -24.31
CA SER C 175 -11.25 -25.38 -25.29
C SER C 175 -10.71 -24.97 -26.64
N SER C 176 -11.16 -25.67 -27.68
CA SER C 176 -10.93 -25.27 -29.05
C SER C 176 -12.29 -25.13 -29.73
N THR C 177 -12.54 -23.97 -30.31
CA THR C 177 -13.84 -23.67 -30.90
C THR C 177 -13.69 -23.46 -32.39
N LEU C 178 -14.31 -24.34 -33.17
CA LEU C 178 -14.38 -24.19 -34.61
C LEU C 178 -15.65 -23.42 -34.96
N THR C 179 -15.51 -22.34 -35.72
CA THR C 179 -16.65 -21.49 -36.07
C THR C 179 -16.83 -21.51 -37.58
N LEU C 180 -18.04 -21.89 -38.02
CA LEU C 180 -18.38 -21.92 -39.43
C LEU C 180 -19.78 -21.35 -39.62
N SER C 181 -20.03 -20.82 -40.81
CA SER C 181 -21.38 -20.43 -41.17
C SER C 181 -22.29 -21.66 -41.17
N LYS C 182 -23.59 -21.40 -41.04
CA LYS C 182 -24.55 -22.50 -41.09
C LYS C 182 -24.44 -23.27 -42.40
N ALA C 183 -24.25 -22.56 -43.52
CA ALA C 183 -24.20 -23.22 -44.82
C ALA C 183 -22.96 -24.10 -44.94
N ASP C 184 -21.80 -23.58 -44.54
CA ASP C 184 -20.58 -24.39 -44.52
C ASP C 184 -20.74 -25.59 -43.60
N TYR C 185 -21.30 -25.38 -42.41
CA TYR C 185 -21.51 -26.49 -41.49
C TYR C 185 -22.38 -27.56 -42.13
N GLU C 186 -23.45 -27.16 -42.82
CA GLU C 186 -24.36 -28.13 -43.43
C GLU C 186 -23.81 -28.73 -44.71
N LYS C 187 -22.63 -28.31 -45.16
CA LYS C 187 -22.02 -28.90 -46.34
C LYS C 187 -21.30 -30.21 -46.05
N HIS C 188 -20.91 -30.44 -44.80
CA HIS C 188 -20.09 -31.59 -44.43
C HIS C 188 -20.77 -32.42 -43.34
N LYS C 189 -20.26 -33.64 -43.16
CA LYS C 189 -20.87 -34.62 -42.27
C LYS C 189 -20.02 -34.93 -41.04
N VAL C 190 -18.73 -35.20 -41.20
CA VAL C 190 -17.88 -35.65 -40.11
C VAL C 190 -17.12 -34.45 -39.53
N TYR C 191 -17.27 -34.23 -38.23
CA TYR C 191 -16.54 -33.20 -37.52
C TYR C 191 -15.73 -33.85 -36.42
N ALA C 192 -14.42 -33.66 -36.44
CA ALA C 192 -13.54 -34.33 -35.50
C ALA C 192 -12.52 -33.35 -34.97
N CYS C 193 -12.22 -33.45 -33.68
CA CYS C 193 -11.03 -32.83 -33.12
C CYS C 193 -10.05 -33.95 -32.75
N GLU C 194 -8.80 -33.79 -33.18
CA GLU C 194 -7.74 -34.74 -32.90
C GLU C 194 -6.78 -34.11 -31.90
N VAL C 195 -6.51 -34.81 -30.81
CA VAL C 195 -5.75 -34.28 -29.70
C VAL C 195 -4.45 -35.06 -29.57
N THR C 196 -3.33 -34.33 -29.55
CA THR C 196 -2.02 -34.89 -29.23
C THR C 196 -1.54 -34.29 -27.93
N HIS C 197 -1.10 -35.15 -27.02
CA HIS C 197 -0.65 -34.71 -25.70
C HIS C 197 0.29 -35.76 -25.14
N GLN C 198 1.20 -35.31 -24.26
CA GLN C 198 2.23 -36.18 -23.73
C GLN C 198 1.64 -37.37 -22.97
N GLY C 199 0.48 -37.20 -22.34
CA GLY C 199 -0.14 -38.28 -21.60
C GLY C 199 -0.88 -39.30 -22.44
N LEU C 200 -1.02 -39.06 -23.73
CA LEU C 200 -1.67 -39.99 -24.64
C LEU C 200 -0.62 -40.81 -25.37
N SER C 201 -0.85 -42.13 -25.45
CA SER C 201 0.07 -43.01 -26.17
C SER C 201 -0.05 -42.88 -27.68
N SER C 202 -1.16 -42.30 -28.14
CA SER C 202 -1.37 -41.97 -29.54
C SER C 202 -2.43 -40.87 -29.60
N PRO C 203 -2.52 -40.12 -30.70
CA PRO C 203 -3.53 -39.07 -30.78
C PRO C 203 -4.95 -39.63 -30.60
N VAL C 204 -5.76 -38.89 -29.86
CA VAL C 204 -7.14 -39.26 -29.57
C VAL C 204 -8.06 -38.36 -30.39
N THR C 205 -9.00 -38.97 -31.09
CA THR C 205 -9.97 -38.23 -31.89
C THR C 205 -11.36 -38.43 -31.30
N LYS C 206 -12.07 -37.33 -31.09
CA LYS C 206 -13.51 -37.36 -30.82
C LYS C 206 -14.22 -36.74 -32.01
N SER C 207 -15.30 -37.39 -32.46
CA SER C 207 -15.97 -36.95 -33.66
C SER C 207 -17.47 -37.16 -33.52
N PHE C 208 -18.22 -36.57 -34.45
CA PHE C 208 -19.65 -36.80 -34.56
C PHE C 208 -20.06 -36.61 -36.02
N ASN C 209 -21.17 -37.23 -36.39
CA ASN C 209 -21.77 -37.02 -37.69
C ASN C 209 -22.90 -36.03 -37.56
N ARG C 210 -22.87 -34.99 -38.40
CA ARG C 210 -23.89 -33.95 -38.35
C ARG C 210 -25.28 -34.55 -38.55
N GLY C 211 -26.23 -34.12 -37.72
CA GLY C 211 -27.59 -34.59 -37.80
C GLY C 211 -27.81 -36.00 -37.32
N GLU C 212 -26.77 -36.70 -36.87
CA GLU C 212 -26.89 -38.09 -36.46
C GLU C 212 -26.77 -38.24 -34.95
C1 NAG D . 4.90 40.35 26.57
C2 NAG D . 3.37 40.41 26.60
C3 NAG D . 2.85 41.32 25.49
C4 NAG D . 3.52 42.69 25.55
C5 NAG D . 5.03 42.53 25.53
C6 NAG D . 5.77 43.84 25.69
C7 NAG D . 2.15 38.46 27.47
C8 NAG D . 1.61 37.10 27.15
N2 NAG D . 2.79 39.08 26.48
O3 NAG D . 1.44 41.46 25.62
O4 NAG D . 3.12 43.48 24.44
O5 NAG D . 5.44 41.68 26.62
O6 NAG D . 5.61 44.37 27.00
O7 NAG D . 2.02 38.98 28.57
C1 NAG D . 2.24 44.53 24.89
C2 NAG D . 2.27 45.68 23.86
C3 NAG D . 1.28 46.77 24.26
C4 NAG D . -0.10 46.18 24.49
C5 NAG D . -0.02 45.05 25.51
C6 NAG D . -1.35 44.36 25.74
C7 NAG D . 4.51 45.78 22.86
C8 NAG D . 5.84 46.48 22.88
N2 NAG D . 3.61 46.22 23.74
O3 NAG D . 1.23 47.75 23.23
O4 NAG D . -0.99 47.19 24.96
O5 NAG D . 0.89 44.05 25.04
O6 NAG D . -2.00 44.06 24.51
O7 NAG D . 4.26 44.88 22.06
C1 NAG E . 28.71 36.22 25.59
C2 NAG E . 29.48 37.54 25.57
C3 NAG E . 28.53 38.68 25.22
C4 NAG E . 27.81 38.40 23.92
C5 NAG E . 27.13 37.03 23.97
C6 NAG E . 26.53 36.61 22.65
C7 NAG E . 29.54 37.85 28.04
C8 NAG E . 30.43 38.12 29.21
N2 NAG E . 30.14 37.79 26.85
O3 NAG E . 29.27 39.90 25.12
O4 NAG E . 26.81 39.39 23.68
O5 NAG E . 28.09 36.01 24.31
O6 NAG E . 27.53 36.36 21.68
O7 NAG E . 28.33 37.68 28.17
S SO4 F . 22.90 23.12 15.77
O1 SO4 F . 22.31 24.28 16.41
O2 SO4 F . 22.13 22.76 14.56
O3 SO4 F . 24.28 23.41 15.40
O4 SO4 F . 22.87 22.00 16.71
S SO4 G . 7.83 18.24 1.88
O1 SO4 G . 6.85 17.15 1.91
O2 SO4 G . 7.37 19.27 0.94
O3 SO4 G . 9.15 17.75 1.44
O4 SO4 G . 7.96 18.85 3.22
S SO4 H . 36.00 20.77 24.50
O1 SO4 H . 34.94 21.70 24.88
O2 SO4 H . 35.41 19.50 24.06
O3 SO4 H . 36.79 21.35 23.42
O4 SO4 H . 36.87 20.52 25.65
S SO4 I . 9.97 20.42 36.19
O1 SO4 I . 9.55 20.93 37.49
O2 SO4 I . 9.19 21.10 35.14
O3 SO4 I . 11.39 20.69 36.00
O4 SO4 I . 9.74 18.99 36.10
CL CL J . 13.68 11.00 9.91
CL CL K . 18.53 12.40 19.00
S SO4 L . 3.63 -1.03 15.32
O1 SO4 L . 2.48 -1.76 15.83
O2 SO4 L . 3.17 0.14 14.59
O3 SO4 L . 4.41 -1.88 14.42
O4 SO4 L . 4.47 -0.63 16.44
CL CL M . -12.69 2.67 12.34
CL CL N . -0.79 14.81 -5.94
S SO4 O . -4.08 -36.77 -9.58
O1 SO4 O . -4.26 -35.35 -9.30
O2 SO4 O . -5.38 -37.40 -9.74
O3 SO4 O . -3.31 -36.94 -10.81
O4 SO4 O . -3.37 -37.38 -8.46
CO CO P . -31.38 -27.24 -28.98
CL CL Q . 8.83 5.68 -7.12
CL CL R . 21.23 -9.73 -5.32
#